data_8QLO
#
_entry.id   8QLO
#
_cell.length_a   1.00
_cell.length_b   1.00
_cell.length_c   1.00
_cell.angle_alpha   90.00
_cell.angle_beta   90.00
_cell.angle_gamma   90.00
#
_symmetry.space_group_name_H-M   'P 1'
#
loop_
_entity.id
_entity.type
_entity.pdbx_description
1 polymer 'Short prokaryotic Argonaute'
2 polymer 'Toll/interleukin-1 receptor domain-containing protein'
#
loop_
_entity_poly.entity_id
_entity_poly.type
_entity_poly.pdbx_seq_one_letter_code
_entity_poly.pdbx_strand_id
1 'polypeptide(L)'
;MKELIYIHEPNILFANGQKCADPRDGLALFGPFTKIYGIKSGVVGTQYGLSIFKNYINHIQKPIYNANNITRPMFPGFEA
VFGCKWDADNVVFKEVTKEEIEKILYTESNHKRTYDLVSLFINKIITANKNEDEKVDVWFLVIPDEIYQYCRPNSVLPKD
LVQTKSLITKSKAKSFRYEPTLFENINKELKEQEKEAITYNYDAQFHDQLKARLLEHTIPTQILRESTLAWRDFKNKFGA
PKRDFSKIEGHLAWTISTAAFYKAGGKPWKLSDIRSGVCYLGLVYKQIEKSSNPKNACCAAQMFLDNGDGTVFKGEVGPW
YNQEKHEFHLNPKEAKALLTQALNSYKEQNGVFPKEIFIHAKTKFNGQEWNAFQEVTPEGTNLVGVTITKTKPLKLFKSE
GNYPIMRGNAFIVNERSAFLWTVGYVPKTESTLSMEVPNPIFIEINKGEADIEQVLKDVLALTKLNYNACIYADGVPVTL
RFADKIGEILTASTELKAPPLAFKYYI
;
B
2 'polypeptide(L)'
;SNARNKIFISHAAPDDNDFTKWLALKLIALGYEVWCDVLFLDKGADFWKVIDKEIREGAIKFLLATSEIAIKRDGVLKEI
AVAEKVKKQLKDDNFIIPLIIDENLSYDDLPPEIIRLNAVDFKKSWAVGLQDLLKALDDQKVEKNSPDPDKSNALYQQIF
LHNKGIIEREEIYDSNWFSILSFPKELRFHDYEKLMPKGFDVRELTYPAVRYKNYLCTFAWEYDFMHQLPKTETYNSSQT
IRIPTEEILSGKYDSPFIGNFECQRLIVQLLNKAFELRMKEKGVREYPMSNKMGYWFEKGKLEKDKFNKVLLVGKQKDKH
WHFGISAAGKLYPFPVLMISSHIFFTKDGKELIESKKIQHAARRRQGKNWWNDDWRNKLLAFVKYLSDDENSFYLEVGSE
EKIYISNEPVQFVGKVSYNMPEKNNLKDEAEISDLNDLNEFDGEIFEETDSE
;
A
#
# COMPACT_ATOMS: atom_id res chain seq x y z
N MET A 1 -22.95 -16.40 -11.86
CA MET A 1 -21.72 -16.50 -11.08
C MET A 1 -21.52 -15.19 -10.31
N LYS A 2 -20.63 -15.21 -9.32
CA LYS A 2 -20.47 -14.08 -8.40
C LYS A 2 -19.66 -12.99 -9.11
N GLU A 3 -20.37 -12.07 -9.75
CA GLU A 3 -19.73 -11.06 -10.57
C GLU A 3 -18.93 -10.07 -9.74
N LEU A 4 -17.88 -9.52 -10.35
CA LEU A 4 -17.08 -8.46 -9.76
C LEU A 4 -17.25 -7.20 -10.58
N ILE A 5 -16.75 -6.09 -10.04
CA ILE A 5 -16.70 -4.82 -10.76
C ILE A 5 -15.29 -4.27 -10.65
N TYR A 6 -14.95 -3.41 -11.63
CA TYR A 6 -13.61 -2.77 -11.67
C TYR A 6 -13.72 -1.31 -11.41
N ILE A 7 -12.97 -0.82 -10.44
CA ILE A 7 -12.88 0.60 -10.14
C ILE A 7 -11.63 1.12 -10.83
N HIS A 8 -11.81 1.92 -11.89
CA HIS A 8 -10.64 2.40 -12.67
C HIS A 8 -9.69 3.20 -11.77
N GLU A 9 -8.40 3.12 -12.03
CA GLU A 9 -7.43 3.84 -11.17
C GLU A 9 -7.69 5.32 -11.36
N PRO A 10 -7.73 6.11 -10.27
CA PRO A 10 -7.90 7.56 -10.37
C PRO A 10 -6.56 8.29 -10.64
N ASN A 11 -6.55 9.23 -11.58
CA ASN A 11 -5.35 9.99 -11.87
C ASN A 11 -5.11 11.03 -10.79
N ILE A 12 -3.84 11.37 -10.58
CA ILE A 12 -3.45 12.47 -9.72
C ILE A 12 -2.95 13.61 -10.59
N LEU A 13 -3.19 14.84 -10.12
CA LEU A 13 -2.87 16.04 -10.87
C LEU A 13 -1.47 16.52 -10.53
N PHE A 14 -0.79 17.09 -11.51
CA PHE A 14 0.57 17.61 -11.37
C PHE A 14 0.61 19.04 -11.92
N ALA A 15 1.83 19.55 -12.09
CA ALA A 15 2.00 20.89 -12.62
C ALA A 15 1.37 21.02 -14.00
N ASN A 16 0.87 22.21 -14.29
CA ASN A 16 0.28 22.60 -15.56
C ASN A 16 -1.01 21.85 -15.87
N GLY A 17 -1.65 21.25 -14.87
CA GLY A 17 -2.91 20.56 -15.09
C GLY A 17 -2.80 19.21 -15.74
N GLN A 18 -1.65 18.55 -15.62
CA GLN A 18 -1.42 17.25 -16.25
C GLN A 18 -1.84 16.14 -15.30
N LYS A 19 -2.73 15.26 -15.77
CA LYS A 19 -3.23 14.15 -14.96
C LYS A 19 -2.46 12.89 -15.34
N CYS A 20 -1.89 12.22 -14.34
CA CYS A 20 -1.21 10.96 -14.57
C CYS A 20 -1.41 10.06 -13.36
N ALA A 21 -1.35 8.75 -13.59
CA ALA A 21 -1.65 7.79 -12.55
C ALA A 21 -0.45 7.40 -11.71
N ASP A 22 0.77 7.65 -12.23
CA ASP A 22 2.01 7.31 -11.48
C ASP A 22 2.62 8.61 -10.93
N PRO A 23 2.77 8.76 -9.59
CA PRO A 23 3.42 9.94 -9.02
C PRO A 23 4.86 10.09 -9.53
N ARG A 24 5.62 8.99 -9.58
CA ARG A 24 7.02 9.05 -10.08
C ARG A 24 7.03 9.63 -11.50
N ASP A 25 6.20 9.07 -12.38
CA ASP A 25 6.17 9.54 -13.79
C ASP A 25 5.70 11.00 -13.83
N GLY A 26 4.61 11.32 -13.14
CA GLY A 26 4.07 12.67 -13.22
C GLY A 26 5.06 13.71 -12.70
N LEU A 27 5.71 13.42 -11.58
CA LEU A 27 6.71 14.35 -11.05
C LEU A 27 7.88 14.51 -12.01
N ALA A 28 8.34 13.40 -12.60
CA ALA A 28 9.48 13.48 -13.51
C ALA A 28 9.12 14.23 -14.79
N LEU A 29 7.90 14.07 -15.27
CA LEU A 29 7.54 14.67 -16.56
C LEU A 29 7.14 16.13 -16.41
N PHE A 30 6.20 16.43 -15.51
CA PHE A 30 5.62 17.77 -15.44
C PHE A 30 5.98 18.52 -14.17
N GLY A 31 6.35 17.84 -13.10
CA GLY A 31 6.71 18.51 -11.87
C GLY A 31 5.56 18.56 -10.88
N PRO A 32 5.84 19.02 -9.67
CA PRO A 32 4.83 19.00 -8.62
C PRO A 32 3.70 19.99 -8.87
N PHE A 33 2.58 19.75 -8.19
CA PHE A 33 1.40 20.59 -8.38
C PHE A 33 1.69 22.05 -8.01
N THR A 34 2.32 22.28 -6.88
CA THR A 34 2.77 23.61 -6.49
C THR A 34 4.25 23.54 -6.16
N LYS A 35 5.02 24.45 -6.75
CA LYS A 35 6.48 24.45 -6.62
C LYS A 35 6.89 25.51 -5.61
N ILE A 36 7.85 25.14 -4.76
CA ILE A 36 8.43 26.10 -3.84
C ILE A 36 9.69 26.70 -4.44
N TYR A 37 10.11 27.85 -3.90
CA TYR A 37 11.28 28.53 -4.42
C TYR A 37 12.55 27.73 -4.13
N GLY A 38 12.61 27.11 -2.95
CA GLY A 38 13.78 26.28 -2.59
C GLY A 38 13.52 25.50 -1.31
N ILE A 39 14.42 24.59 -0.94
CA ILE A 39 14.27 23.82 0.33
C ILE A 39 15.45 24.15 1.25
N LYS A 40 15.28 25.10 2.17
CA LYS A 40 16.37 25.37 3.16
C LYS A 40 16.41 24.20 4.13
N SER A 41 17.60 23.72 4.41
CA SER A 41 17.71 22.50 5.22
C SER A 41 18.31 22.78 6.57
N GLY A 42 17.98 21.94 7.51
CA GLY A 42 18.61 22.03 8.81
C GLY A 42 18.98 20.62 9.17
N VAL A 43 20.22 20.37 9.50
CA VAL A 43 20.57 18.98 9.76
C VAL A 43 20.79 18.91 11.25
N VAL A 44 20.42 17.81 11.88
CA VAL A 44 20.49 17.64 13.36
C VAL A 44 21.25 16.33 13.63
N GLY A 45 22.57 16.34 13.46
CA GLY A 45 23.35 15.10 13.63
C GLY A 45 24.83 15.35 13.86
N THR A 46 25.66 14.31 13.70
CA THR A 46 27.12 14.43 13.93
C THR A 46 27.80 14.91 12.64
N GLN A 47 29.08 15.25 12.70
CA GLN A 47 29.82 15.68 11.48
C GLN A 47 29.81 14.54 10.46
N TYR A 48 30.11 13.31 10.89
CA TYR A 48 30.03 12.16 9.95
C TYR A 48 28.65 12.16 9.29
N GLY A 49 27.60 12.31 10.09
CA GLY A 49 26.23 12.33 9.54
C GLY A 49 26.04 13.51 8.59
N LEU A 50 26.59 14.68 8.94
CA LEU A 50 26.47 15.87 8.07
C LEU A 50 27.12 15.58 6.72
N SER A 51 28.32 14.99 6.73
CA SER A 51 29.02 14.65 5.47
C SER A 51 28.16 13.68 4.66
N ILE A 52 27.58 12.68 5.33
CA ILE A 52 26.68 11.70 4.64
C ILE A 52 25.54 12.49 3.99
N PHE A 53 24.91 13.39 4.75
CA PHE A 53 23.78 14.19 4.22
C PHE A 53 24.25 15.00 3.01
N LYS A 54 25.36 15.74 3.16
CA LYS A 54 25.81 16.61 2.08
C LYS A 54 26.14 15.80 0.83
N ASN A 55 26.83 14.67 0.99
CA ASN A 55 27.17 13.83 -0.15
C ASN A 55 25.92 13.29 -0.83
N TYR A 56 24.95 12.83 -0.03
CA TYR A 56 23.71 12.34 -0.60
C TYR A 56 22.97 13.44 -1.34
N ILE A 57 22.90 14.63 -0.75
CA ILE A 57 22.17 15.73 -1.37
C ILE A 57 22.83 16.13 -2.68
N ASN A 58 24.16 16.19 -2.70
CA ASN A 58 24.86 16.49 -3.95
C ASN A 58 24.68 15.38 -4.96
N HIS A 59 24.51 14.13 -4.50
CA HIS A 59 24.48 12.97 -5.36
C HIS A 59 23.10 12.72 -5.97
N ILE A 60 22.03 13.15 -5.30
CA ILE A 60 20.69 13.04 -5.86
C ILE A 60 20.34 14.20 -6.78
N GLN A 61 21.24 15.18 -6.91
CA GLN A 61 21.13 16.16 -7.98
C GLN A 61 21.41 15.54 -9.34
N LYS A 62 22.06 14.37 -9.39
CA LYS A 62 22.46 13.73 -10.67
C LYS A 62 21.59 12.52 -10.93
N PRO A 63 21.16 12.22 -12.16
CA PRO A 63 20.23 11.11 -12.39
C PRO A 63 20.58 9.80 -11.68
N ILE A 64 19.63 9.20 -10.96
CA ILE A 64 19.85 7.89 -10.29
C ILE A 64 18.93 6.86 -10.95
N TYR A 65 19.50 5.83 -11.58
CA TYR A 65 18.68 4.83 -12.31
C TYR A 65 18.29 3.69 -11.37
N ASN A 66 17.24 2.94 -11.74
CA ASN A 66 16.84 1.75 -10.93
C ASN A 66 17.21 0.49 -11.70
N ALA A 67 17.47 -0.62 -11.01
CA ALA A 67 17.74 -1.88 -11.70
C ALA A 67 16.55 -2.31 -12.54
N ASN A 68 15.35 -2.19 -12.00
CA ASN A 68 14.11 -2.43 -12.74
C ASN A 68 13.45 -1.07 -12.97
N ASN A 69 13.48 -0.57 -14.19
CA ASN A 69 12.91 0.78 -14.38
C ASN A 69 11.49 0.67 -14.92
N ILE A 70 10.83 -0.46 -14.68
CA ILE A 70 9.40 -0.60 -15.06
C ILE A 70 8.59 -0.58 -13.76
N THR A 71 9.01 -1.37 -12.77
CA THR A 71 8.32 -1.37 -11.45
C THR A 71 8.57 -0.03 -10.75
N ARG A 72 9.83 0.43 -10.75
CA ARG A 72 10.18 1.69 -10.04
C ARG A 72 10.95 2.61 -10.99
N PRO A 73 10.31 3.65 -11.56
CA PRO A 73 11.00 4.61 -12.45
C PRO A 73 12.27 5.24 -11.84
N MET A 74 13.22 5.62 -12.69
CA MET A 74 14.48 6.26 -12.23
C MET A 74 14.20 7.70 -11.78
N PHE A 75 15.04 8.26 -10.91
CA PHE A 75 14.86 9.66 -10.44
C PHE A 75 15.60 10.63 -11.38
N PRO A 76 14.89 11.40 -12.22
CA PRO A 76 15.54 12.28 -13.15
C PRO A 76 16.55 13.15 -12.41
N GLY A 77 16.18 13.82 -11.33
CA GLY A 77 17.07 14.68 -10.52
C GLY A 77 16.29 15.69 -9.70
N PHE A 78 16.78 16.12 -8.53
CA PHE A 78 15.91 16.99 -7.73
C PHE A 78 15.48 18.22 -8.51
N GLU A 79 16.44 18.95 -9.09
CA GLU A 79 16.08 20.15 -9.84
C GLU A 79 15.30 19.81 -11.09
N ALA A 80 15.62 18.68 -11.73
CA ALA A 80 14.92 18.29 -12.96
C ALA A 80 13.47 17.95 -12.69
N VAL A 81 13.18 17.36 -11.53
CA VAL A 81 11.82 16.94 -11.23
C VAL A 81 11.01 18.08 -10.64
N PHE A 82 11.46 18.63 -9.52
CA PHE A 82 10.65 19.58 -8.76
C PHE A 82 10.76 20.99 -9.33
N GLY A 83 11.96 21.40 -9.69
CA GLY A 83 12.22 22.74 -10.16
C GLY A 83 12.80 23.68 -9.14
N CYS A 84 13.19 23.18 -7.97
CA CYS A 84 13.82 24.00 -6.95
C CYS A 84 15.11 23.31 -6.53
N LYS A 85 16.06 24.10 -6.07
CA LYS A 85 17.37 23.58 -5.70
C LYS A 85 17.40 23.23 -4.22
N TRP A 86 17.60 21.95 -3.93
CA TRP A 86 17.76 21.51 -2.52
C TRP A 86 19.27 21.45 -2.27
N ASP A 87 19.96 22.58 -2.45
CA ASP A 87 21.45 22.59 -2.36
C ASP A 87 21.92 22.23 -0.94
N ALA A 88 23.14 21.70 -0.81
CA ALA A 88 23.70 21.38 0.52
C ALA A 88 24.51 22.57 1.03
N ASP A 89 24.76 23.56 0.17
CA ASP A 89 25.51 24.77 0.59
C ASP A 89 24.64 25.61 1.54
N ASN A 90 23.38 25.84 1.16
CA ASN A 90 22.45 26.64 2.01
C ASN A 90 21.79 25.72 3.05
N VAL A 91 22.59 25.06 3.89
CA VAL A 91 22.02 24.10 4.87
C VAL A 91 22.52 24.43 6.28
N VAL A 92 21.62 24.80 7.18
CA VAL A 92 22.01 25.06 8.61
C VAL A 92 22.33 23.69 9.24
N PHE A 93 23.34 23.63 10.11
CA PHE A 93 23.74 22.31 10.67
C PHE A 93 23.81 22.36 12.20
N LYS A 94 22.95 21.59 12.87
CA LYS A 94 23.03 21.49 14.36
C LYS A 94 23.91 20.28 14.67
N GLU A 95 25.13 20.50 15.17
CA GLU A 95 26.07 19.36 15.35
C GLU A 95 25.90 18.70 16.72
N VAL A 96 25.18 17.58 16.77
CA VAL A 96 25.12 16.83 18.03
C VAL A 96 26.49 16.18 18.21
N THR A 97 27.16 16.52 19.31
CA THR A 97 28.42 15.87 19.61
C THR A 97 28.18 14.44 20.04
N LYS A 98 29.09 13.55 19.65
CA LYS A 98 28.90 12.10 19.96
C LYS A 98 28.70 11.94 21.47
N GLU A 99 29.38 12.76 22.28
CA GLU A 99 29.29 12.65 23.75
C GLU A 99 27.82 12.75 24.17
N GLU A 100 27.09 13.73 23.64
CA GLU A 100 25.67 13.94 24.06
C GLU A 100 24.89 12.65 23.83
N ILE A 101 24.97 12.07 22.63
CA ILE A 101 24.17 10.87 22.30
C ILE A 101 24.55 9.71 23.23
N GLU A 102 25.84 9.39 23.34
CA GLU A 102 26.26 8.23 24.16
C GLU A 102 25.91 8.49 25.63
N LYS A 103 26.10 9.72 26.10
CA LYS A 103 25.81 10.06 27.52
C LYS A 103 24.32 9.80 27.79
N ILE A 104 23.46 10.17 26.85
CA ILE A 104 21.99 9.93 27.01
C ILE A 104 21.73 8.43 26.95
N LEU A 105 22.34 7.73 25.98
CA LEU A 105 22.10 6.27 25.83
C LEU A 105 22.50 5.55 27.12
N TYR A 106 23.47 6.08 27.86
CA TYR A 106 23.91 5.47 29.13
C TYR A 106 22.69 5.11 29.98
N THR A 107 21.58 5.84 29.80
CA THR A 107 20.38 5.60 30.65
C THR A 107 19.94 4.13 30.50
N GLU A 108 19.53 3.50 31.61
CA GLU A 108 19.04 2.10 31.55
C GLU A 108 17.67 2.05 30.88
N SER A 109 16.74 2.91 31.28
CA SER A 109 15.36 2.88 30.73
C SER A 109 15.31 3.58 29.37
N ASN A 110 14.81 2.89 28.34
CA ASN A 110 14.68 3.50 27.00
C ASN A 110 13.71 4.69 27.08
N HIS A 111 12.62 4.55 27.83
CA HIS A 111 11.67 5.68 28.02
C HIS A 111 12.49 6.96 28.21
N LYS A 112 13.47 6.93 29.12
CA LYS A 112 14.33 8.12 29.35
C LYS A 112 15.26 8.32 28.16
N ARG A 113 15.94 7.26 27.71
CA ARG A 113 16.91 7.40 26.59
C ARG A 113 16.22 8.15 25.44
N THR A 114 15.09 7.62 24.96
CA THR A 114 14.33 8.29 23.87
C THR A 114 13.99 9.71 24.31
N TYR A 115 13.33 9.86 25.46
CA TYR A 115 12.95 11.21 25.95
C TYR A 115 14.16 12.13 25.91
N ASP A 116 15.26 11.74 26.57
CA ASP A 116 16.47 12.61 26.64
C ASP A 116 16.95 12.92 25.22
N LEU A 117 17.04 11.88 24.37
CA LEU A 117 17.47 12.09 22.96
C LEU A 117 16.48 13.03 22.27
N VAL A 118 15.19 12.69 22.28
CA VAL A 118 14.16 13.53 21.63
C VAL A 118 14.34 14.94 22.20
N SER A 119 14.50 15.09 23.53
CA SER A 119 14.64 16.42 24.16
C SER A 119 15.81 17.18 23.54
N LEU A 120 16.99 16.55 23.48
CA LEU A 120 18.19 17.20 22.90
C LEU A 120 17.87 17.68 21.48
N PHE A 121 17.33 16.79 20.64
CA PHE A 121 17.11 17.19 19.22
C PHE A 121 16.11 18.37 19.19
N ILE A 122 15.05 18.30 20.00
CA ILE A 122 14.03 19.38 20.08
C ILE A 122 14.74 20.70 20.38
N ASN A 123 15.55 20.72 21.45
CA ASN A 123 16.24 21.97 21.85
C ASN A 123 17.11 22.46 20.69
N LYS A 124 17.89 21.57 20.08
CA LYS A 124 18.82 22.00 19.00
C LYS A 124 18.02 22.64 17.87
N ILE A 125 16.89 22.04 17.49
CA ILE A 125 16.06 22.58 16.36
C ILE A 125 15.45 23.92 16.77
N ILE A 126 14.90 24.02 17.98
CA ILE A 126 14.21 25.26 18.43
C ILE A 126 15.22 26.40 18.54
N THR A 127 16.25 26.23 19.39
CA THR A 127 17.18 27.36 19.53
C THR A 127 17.59 27.89 18.16
N ALA A 128 17.92 26.99 17.23
CA ALA A 128 18.31 27.43 15.89
C ALA A 128 17.17 28.18 15.21
N ASN A 129 15.94 27.69 15.38
CA ASN A 129 14.78 28.31 14.75
C ASN A 129 14.56 29.70 15.35
N LYS A 130 14.34 29.77 16.66
CA LYS A 130 13.93 31.01 17.30
C LYS A 130 15.02 32.06 17.32
N ASN A 131 16.24 31.69 17.71
CA ASN A 131 17.26 32.69 18.01
C ASN A 131 17.74 33.41 16.75
N GLU A 132 17.86 32.70 15.64
CA GLU A 132 18.34 33.30 14.40
C GLU A 132 17.17 33.52 13.45
N ASP A 133 17.46 34.22 12.34
CA ASP A 133 16.49 34.47 11.29
C ASP A 133 16.59 33.45 10.16
N GLU A 134 17.18 32.29 10.44
CA GLU A 134 17.34 31.23 9.44
C GLU A 134 15.98 30.62 9.16
N LYS A 135 15.41 30.93 8.00
CA LYS A 135 14.08 30.45 7.63
C LYS A 135 14.18 29.04 7.04
N VAL A 136 14.80 28.16 7.82
CA VAL A 136 15.00 26.77 7.41
C VAL A 136 13.63 26.13 7.20
N ASP A 137 13.39 25.64 5.99
CA ASP A 137 12.09 25.10 5.65
C ASP A 137 11.84 23.76 6.32
N VAL A 138 12.82 22.85 6.28
CA VAL A 138 12.67 21.53 6.85
C VAL A 138 13.88 21.24 7.74
N TRP A 139 13.62 20.70 8.91
CA TRP A 139 14.68 20.23 9.78
C TRP A 139 14.86 18.73 9.58
N PHE A 140 16.03 18.34 9.06
CA PHE A 140 16.30 16.92 8.77
C PHE A 140 17.09 16.30 9.93
N LEU A 141 16.49 15.32 10.61
CA LEU A 141 17.20 14.63 11.72
C LEU A 141 17.94 13.42 11.15
N VAL A 142 19.18 13.62 10.68
CA VAL A 142 19.99 12.49 10.17
C VAL A 142 20.55 11.73 11.39
N ILE A 143 19.70 10.93 12.03
CA ILE A 143 20.12 10.19 13.27
C ILE A 143 20.85 8.91 12.86
N PRO A 144 21.96 8.50 13.52
CA PRO A 144 22.60 7.22 13.19
C PRO A 144 21.53 6.12 13.32
N ASP A 145 21.51 5.18 12.37
CA ASP A 145 20.54 4.05 12.44
C ASP A 145 20.54 3.50 13.87
N GLU A 146 21.71 3.54 14.54
CA GLU A 146 21.82 3.06 15.94
C GLU A 146 20.76 3.72 16.81
N ILE A 147 20.60 5.04 16.71
CA ILE A 147 19.63 5.77 17.58
C ILE A 147 18.24 5.14 17.38
N TYR A 148 17.84 4.93 16.13
CA TYR A 148 16.52 4.29 15.85
C TYR A 148 16.51 2.89 16.44
N GLN A 149 17.61 2.15 16.25
CA GLN A 149 17.70 0.77 16.79
C GLN A 149 17.48 0.79 18.30
N TYR A 150 18.12 1.73 19.00
CA TYR A 150 17.99 1.79 20.49
C TYR A 150 16.65 2.43 20.86
N CYS A 151 16.36 3.60 20.29
CA CYS A 151 15.11 4.34 20.65
C CYS A 151 14.16 4.37 19.45
N ALA A 204 6.87 4.97 22.31
CA ALA A 204 8.22 4.77 22.82
C ALA A 204 9.25 5.03 21.73
N GLN A 205 8.80 5.02 20.48
CA GLN A 205 9.69 5.26 19.35
C GLN A 205 10.16 6.71 19.33
N PHE A 206 11.36 6.90 18.77
CA PHE A 206 11.89 8.25 18.56
C PHE A 206 10.98 9.08 17.69
N HIS A 207 10.46 8.49 16.61
CA HIS A 207 9.66 9.23 15.64
C HIS A 207 8.47 9.89 16.31
N ASP A 208 7.71 9.13 17.10
CA ASP A 208 6.46 9.64 17.64
C ASP A 208 6.69 10.76 18.65
N GLN A 209 7.60 10.52 19.60
CA GLN A 209 7.86 11.54 20.61
C GLN A 209 8.44 12.80 19.99
N LEU A 210 9.34 12.64 19.02
CA LEU A 210 9.90 13.81 18.35
C LEU A 210 8.81 14.59 17.61
N LYS A 211 7.92 13.87 16.91
CA LYS A 211 6.87 14.55 16.17
C LYS A 211 5.92 15.27 17.12
N ALA A 212 5.66 14.70 18.30
CA ALA A 212 4.78 15.37 19.25
C ALA A 212 5.43 16.62 19.84
N ARG A 213 6.69 16.52 20.23
CA ARG A 213 7.33 17.66 20.88
C ARG A 213 7.72 18.73 19.87
N LEU A 214 7.65 18.41 18.57
CA LEU A 214 7.64 19.46 17.55
C LEU A 214 6.23 19.94 17.23
N LEU A 215 5.24 19.07 17.39
CA LEU A 215 3.84 19.48 17.28
C LEU A 215 3.55 20.62 18.23
N GLU A 216 4.21 20.61 19.39
CA GLU A 216 4.10 21.73 20.31
C GLU A 216 4.42 23.05 19.62
N HIS A 217 5.45 23.06 18.75
CA HIS A 217 5.98 24.30 18.20
C HIS A 217 5.71 24.48 16.70
N THR A 218 5.12 23.48 16.04
CA THR A 218 4.65 23.62 14.66
C THR A 218 5.78 24.03 13.70
N ILE A 219 6.74 23.12 13.57
CA ILE A 219 7.83 23.26 12.60
C ILE A 219 8.01 21.93 11.86
N PRO A 220 8.14 21.94 10.53
CA PRO A 220 8.25 20.68 9.80
C PRO A 220 9.54 19.95 10.15
N THR A 221 9.50 18.63 10.04
CA THR A 221 10.62 17.79 10.44
C THR A 221 10.61 16.49 9.65
N GLN A 222 11.79 16.12 9.14
CA GLN A 222 11.99 14.86 8.44
C GLN A 222 13.15 14.12 9.08
N ILE A 223 12.94 12.84 9.38
CA ILE A 223 13.93 12.02 10.06
C ILE A 223 14.53 11.05 9.07
N LEU A 224 15.85 10.94 9.06
CA LEU A 224 16.58 10.03 8.20
C LEU A 224 17.66 9.32 8.99
N ARG A 225 18.01 8.12 8.52
CA ARG A 225 19.03 7.31 9.14
C ARG A 225 20.30 7.36 8.30
N GLU A 226 21.46 7.35 8.97
CA GLU A 226 22.74 7.36 8.22
C GLU A 226 22.75 6.19 7.24
N SER A 227 22.20 5.04 7.65
CA SER A 227 22.15 3.85 6.77
C SER A 227 21.32 4.17 5.52
N THR A 228 20.18 4.84 5.69
CA THR A 228 19.29 5.14 4.54
C THR A 228 20.04 5.99 3.52
N LEU A 229 20.71 7.06 3.96
CA LEU A 229 21.40 7.97 3.01
C LEU A 229 22.64 7.30 2.42
N ALA A 230 23.51 6.77 3.28
CA ALA A 230 24.76 6.14 2.82
C ALA A 230 24.75 4.69 3.23
N TRP A 231 24.14 3.84 2.41
CA TRP A 231 24.08 2.42 2.71
C TRP A 231 25.35 1.71 2.28
N ARG A 232 26.02 2.22 1.25
CA ARG A 232 27.25 1.59 0.77
C ARG A 232 28.32 1.63 1.85
N ASP A 233 28.36 2.71 2.64
CA ASP A 233 29.39 2.85 3.67
C ASP A 233 29.18 1.92 4.86
N PHE A 234 27.98 1.40 5.05
CA PHE A 234 27.68 0.50 6.15
C PHE A 234 27.58 -0.92 5.63
N LYS A 235 28.47 -1.79 6.11
CA LYS A 235 28.58 -3.15 5.61
C LYS A 235 28.54 -4.12 6.78
N ASN A 236 28.14 -5.35 6.48
CA ASN A 236 28.16 -6.43 7.47
C ASN A 236 29.56 -7.00 7.57
N LYS A 237 29.69 -8.14 8.24
CA LYS A 237 31.00 -8.78 8.39
C LYS A 237 31.52 -9.37 7.09
N PHE A 238 30.68 -9.49 6.06
CA PHE A 238 31.07 -10.11 4.81
C PHE A 238 31.38 -9.09 3.71
N GLY A 239 31.48 -7.81 4.06
CA GLY A 239 31.76 -6.80 3.06
C GLY A 239 30.58 -6.40 2.21
N ALA A 240 29.39 -6.87 2.54
CA ALA A 240 28.18 -6.50 1.82
C ALA A 240 27.36 -5.51 2.64
N PRO A 241 26.63 -4.61 2.00
CA PRO A 241 25.81 -3.65 2.74
C PRO A 241 24.76 -4.35 3.60
N LYS A 242 24.54 -3.81 4.81
CA LYS A 242 23.49 -4.39 5.68
C LYS A 242 22.19 -4.40 4.87
N ARG A 243 21.93 -3.32 4.12
CA ARG A 243 20.73 -3.26 3.24
C ARG A 243 21.18 -2.83 1.84
N ASP A 244 21.02 -3.71 0.85
CA ASP A 244 21.50 -3.39 -0.53
C ASP A 244 20.43 -2.59 -1.28
N PHE A 245 20.56 -1.26 -1.31
CA PHE A 245 19.61 -0.43 -2.09
C PHE A 245 20.12 -0.33 -3.54
N SER A 246 20.99 -1.26 -3.95
CA SER A 246 21.58 -1.15 -5.30
C SER A 246 20.53 -1.14 -6.37
N LYS A 247 19.53 -1.97 -6.26
CA LYS A 247 18.59 -2.09 -7.38
C LYS A 247 17.45 -1.10 -7.20
N ILE A 248 17.37 -0.49 -6.02
CA ILE A 248 16.31 0.51 -5.76
C ILE A 248 16.95 1.89 -5.55
N GLU A 249 18.25 2.02 -5.79
CA GLU A 249 18.92 3.28 -5.51
C GLU A 249 18.13 4.46 -6.08
N GLY A 250 17.49 4.26 -7.23
CA GLY A 250 16.65 5.29 -7.79
C GLY A 250 15.30 5.44 -7.12
N HIS A 251 14.77 4.35 -6.54
CA HIS A 251 13.54 4.46 -5.78
C HIS A 251 13.75 5.28 -4.52
N LEU A 252 14.77 4.94 -3.73
CA LEU A 252 14.98 5.58 -2.44
C LEU A 252 14.99 7.09 -2.55
N ALA A 253 15.83 7.62 -3.46
CA ALA A 253 15.89 9.07 -3.66
C ALA A 253 14.50 9.64 -3.88
N TRP A 254 13.74 9.04 -4.81
CA TRP A 254 12.36 9.45 -5.04
C TRP A 254 11.65 9.66 -3.72
N THR A 255 11.54 8.59 -2.92
CA THR A 255 10.88 8.68 -1.62
C THR A 255 11.39 9.89 -0.86
N ILE A 256 12.69 9.91 -0.57
CA ILE A 256 13.24 10.97 0.26
C ILE A 256 12.90 12.32 -0.35
N SER A 257 13.14 12.46 -1.65
CA SER A 257 12.89 13.75 -2.29
C SER A 257 11.45 14.18 -2.06
N THR A 258 10.50 13.31 -2.37
CA THR A 258 9.10 13.70 -2.23
C THR A 258 8.80 14.08 -0.79
N ALA A 259 9.31 13.29 0.16
CA ALA A 259 9.10 13.61 1.57
C ALA A 259 9.57 15.02 1.85
N ALA A 260 10.81 15.34 1.47
CA ALA A 260 11.32 16.68 1.71
C ALA A 260 10.44 17.71 1.04
N PHE A 261 10.04 17.46 -0.22
CA PHE A 261 9.26 18.47 -0.93
C PHE A 261 7.90 18.67 -0.28
N TYR A 262 7.39 17.65 0.42
CA TYR A 262 6.13 17.85 1.12
C TYR A 262 6.32 18.69 2.37
N LYS A 263 7.45 18.53 3.04
CA LYS A 263 7.63 19.17 4.34
C LYS A 263 8.14 20.59 4.22
N ALA A 264 8.54 21.03 3.04
CA ALA A 264 9.01 22.39 2.82
C ALA A 264 7.93 23.28 2.23
N GLY A 265 6.67 22.84 2.29
CA GLY A 265 5.56 23.63 1.82
C GLY A 265 5.09 23.34 0.43
N GLY A 266 5.65 22.33 -0.24
CA GLY A 266 5.22 22.00 -1.58
C GLY A 266 4.17 20.92 -1.62
N LYS A 267 3.32 20.94 -2.64
CA LYS A 267 2.32 19.90 -2.82
C LYS A 267 2.74 19.03 -3.99
N PRO A 268 3.31 17.84 -3.71
CA PRO A 268 3.74 17.00 -4.77
C PRO A 268 2.60 16.84 -5.79
N TRP A 269 1.49 16.24 -5.43
CA TRP A 269 0.33 16.11 -6.36
C TRP A 269 -0.97 16.33 -5.63
N LYS A 270 -2.08 16.11 -6.30
CA LYS A 270 -3.40 16.33 -5.70
C LYS A 270 -4.37 15.50 -6.54
N LEU A 271 -5.56 15.14 -6.05
CA LEU A 271 -6.44 14.28 -6.87
C LEU A 271 -6.98 15.13 -7.99
N SER A 272 -7.42 14.54 -9.08
CA SER A 272 -7.73 15.31 -10.29
C SER A 272 -9.19 15.71 -10.36
N ASP A 273 -10.11 14.75 -10.37
CA ASP A 273 -11.52 15.03 -10.65
C ASP A 273 -12.42 14.73 -9.46
N ILE A 274 -12.04 15.18 -8.26
CA ILE A 274 -12.92 15.04 -7.11
C ILE A 274 -14.06 16.05 -7.21
N ARG A 275 -15.24 15.65 -6.76
CA ARG A 275 -16.39 16.54 -6.76
C ARG A 275 -16.16 17.70 -5.81
N SER A 276 -16.81 18.82 -6.11
CA SER A 276 -16.67 20.03 -5.31
C SER A 276 -17.32 19.86 -3.95
N GLY A 277 -16.65 20.34 -2.91
CA GLY A 277 -17.20 20.34 -1.58
C GLY A 277 -17.39 18.96 -0.97
N VAL A 278 -16.32 18.19 -0.88
CA VAL A 278 -16.35 16.87 -0.25
C VAL A 278 -15.24 16.80 0.78
N CYS A 279 -15.58 16.35 1.98
CA CYS A 279 -14.60 16.33 3.09
C CYS A 279 -14.49 14.92 3.61
N TYR A 280 -13.31 14.37 3.70
CA TYR A 280 -13.03 13.03 4.20
C TYR A 280 -12.39 13.17 5.57
N LEU A 281 -13.02 12.52 6.54
CA LEU A 281 -12.55 12.64 7.92
C LEU A 281 -12.33 11.24 8.43
N GLY A 282 -11.16 10.97 8.94
CA GLY A 282 -10.87 9.66 9.49
C GLY A 282 -10.62 9.67 10.98
N LEU A 283 -11.53 9.10 11.76
CA LEU A 283 -11.35 9.06 13.20
C LEU A 283 -10.18 8.17 13.57
N VAL A 284 -9.34 8.66 14.48
CA VAL A 284 -8.18 7.94 14.96
C VAL A 284 -8.34 7.76 16.46
N TYR A 285 -8.42 6.51 16.92
CA TYR A 285 -8.56 6.24 18.33
C TYR A 285 -7.32 5.51 18.83
N LYS A 286 -6.94 5.76 20.06
CA LYS A 286 -5.84 4.96 20.62
C LYS A 286 -5.90 5.03 22.14
N GLN A 287 -6.02 3.90 22.80
CA GLN A 287 -6.18 3.90 24.27
C GLN A 287 -4.91 4.33 25.01
N ILE A 288 -5.03 5.18 26.01
CA ILE A 288 -3.85 5.52 26.85
C ILE A 288 -3.52 4.29 27.68
N GLU A 289 -2.33 3.73 27.51
CA GLU A 289 -1.94 2.48 28.16
C GLU A 289 -1.79 2.68 29.67
N LYS A 290 -1.31 3.84 30.10
CA LYS A 290 -1.07 4.09 31.52
C LYS A 290 -2.29 4.61 32.25
N SER A 291 -3.40 4.85 31.57
CA SER A 291 -4.57 5.44 32.22
C SER A 291 -5.18 4.47 33.21
N SER A 292 -5.58 4.99 34.37
CA SER A 292 -6.26 4.17 35.37
C SER A 292 -7.58 3.63 34.82
N ASN A 293 -8.34 4.47 34.14
CA ASN A 293 -9.58 4.03 33.53
C ASN A 293 -9.27 3.41 32.17
N PRO A 294 -9.41 2.08 32.02
CA PRO A 294 -9.01 1.43 30.78
C PRO A 294 -9.90 1.90 29.64
N LYS A 295 -10.79 2.81 29.92
CA LYS A 295 -11.69 3.23 28.83
C LYS A 295 -11.16 4.54 28.29
N ASN A 296 -10.13 5.09 28.93
CA ASN A 296 -9.65 6.43 28.50
C ASN A 296 -8.90 6.26 27.19
N ALA A 297 -9.33 6.97 26.17
CA ALA A 297 -8.73 6.83 24.84
C ALA A 297 -8.72 8.16 24.11
N CYS A 298 -7.65 8.45 23.38
CA CYS A 298 -7.56 9.70 22.59
C CYS A 298 -8.37 9.57 21.32
N CYS A 299 -8.69 10.69 20.75
CA CYS A 299 -9.51 10.69 19.54
C CYS A 299 -8.81 11.59 18.55
N ALA A 300 -9.23 11.59 17.29
CA ALA A 300 -8.62 12.54 16.36
C ALA A 300 -9.36 12.52 15.04
N ALA A 301 -9.34 13.64 14.36
CA ALA A 301 -10.03 13.83 13.10
C ALA A 301 -9.00 14.12 12.02
N GLN A 302 -9.18 13.51 10.86
CA GLN A 302 -8.22 13.64 9.76
C GLN A 302 -8.95 14.20 8.55
N MET A 303 -9.03 15.53 8.47
CA MET A 303 -9.71 16.18 7.35
C MET A 303 -8.83 16.08 6.12
N PHE A 304 -9.37 15.49 5.06
CA PHE A 304 -8.68 15.37 3.78
C PHE A 304 -9.59 15.90 2.68
N LEU A 305 -9.13 16.92 1.97
CA LEU A 305 -9.80 17.39 0.78
C LEU A 305 -9.18 16.70 -0.43
N ASP A 306 -9.50 17.19 -1.63
CA ASP A 306 -8.88 16.65 -2.84
C ASP A 306 -7.37 16.86 -2.83
N ASN A 307 -6.89 17.92 -2.18
CA ASN A 307 -5.47 18.23 -2.22
C ASN A 307 -4.62 17.17 -1.52
N GLY A 308 -5.14 16.56 -0.47
CA GLY A 308 -4.43 15.48 0.19
C GLY A 308 -3.35 15.91 1.16
N ASP A 309 -3.25 17.20 1.48
CA ASP A 309 -2.31 17.64 2.52
C ASP A 309 -2.74 17.14 3.89
N GLY A 310 -3.99 17.36 4.24
CA GLY A 310 -4.55 16.80 5.45
C GLY A 310 -4.42 17.74 6.65
N THR A 311 -5.40 17.66 7.55
CA THR A 311 -5.41 18.43 8.77
C THR A 311 -5.83 17.52 9.91
N VAL A 312 -5.16 17.64 11.05
CA VAL A 312 -5.40 16.76 12.19
C VAL A 312 -6.01 17.59 13.32
N PHE A 313 -7.16 17.13 13.81
CA PHE A 313 -7.88 17.76 14.91
C PHE A 313 -7.82 16.84 16.12
N LYS A 314 -7.18 17.30 17.18
CA LYS A 314 -7.14 16.52 18.41
C LYS A 314 -8.49 16.59 19.12
N GLY A 315 -8.76 15.56 19.94
CA GLY A 315 -9.98 15.54 20.72
C GLY A 315 -9.69 15.29 22.19
N GLU A 316 -10.76 15.26 22.96
CA GLU A 316 -10.55 15.14 24.41
C GLU A 316 -10.24 13.69 24.80
N VAL A 317 -9.26 13.48 25.67
CA VAL A 317 -8.97 12.11 26.18
C VAL A 317 -10.11 11.72 27.12
N GLY A 318 -10.95 10.76 26.72
CA GLY A 318 -12.11 10.39 27.55
C GLY A 318 -12.41 8.90 27.48
N PRO A 319 -13.41 8.39 28.23
CA PRO A 319 -13.70 6.95 28.26
C PRO A 319 -14.38 6.48 26.97
N TRP A 320 -13.60 6.39 25.87
CA TRP A 320 -14.20 5.99 24.56
C TRP A 320 -14.02 4.49 24.33
N TYR A 321 -12.86 3.94 24.69
CA TYR A 321 -12.58 2.51 24.38
C TYR A 321 -13.55 1.60 25.12
N ASN A 322 -14.32 0.79 24.39
CA ASN A 322 -15.20 -0.22 25.04
C ASN A 322 -14.41 -1.53 25.06
N GLN A 323 -14.13 -2.08 26.25
CA GLN A 323 -13.27 -3.25 26.30
C GLN A 323 -13.97 -4.50 25.75
N GLU A 324 -15.24 -4.69 26.11
CA GLU A 324 -15.93 -5.93 25.75
C GLU A 324 -16.21 -6.00 24.25
N LYS A 325 -16.51 -4.86 23.61
CA LYS A 325 -16.64 -4.84 22.16
C LYS A 325 -15.29 -4.69 21.45
N HIS A 326 -14.25 -4.28 22.17
CA HIS A 326 -12.97 -3.88 21.59
C HIS A 326 -13.11 -2.73 20.60
N GLU A 327 -14.18 -1.95 20.70
CA GLU A 327 -14.45 -0.86 19.77
C GLU A 327 -14.48 0.46 20.51
N PHE A 328 -13.93 1.50 19.90
CA PHE A 328 -13.86 2.81 20.57
C PHE A 328 -15.12 3.56 20.21
N HIS A 329 -15.77 4.19 21.17
CA HIS A 329 -17.00 4.93 20.99
C HIS A 329 -17.01 6.13 21.93
N LEU A 330 -17.28 7.30 21.38
CA LEU A 330 -17.20 8.54 22.14
C LEU A 330 -18.58 9.12 22.40
N ASN A 331 -18.67 9.92 23.47
CA ASN A 331 -19.92 10.49 23.91
C ASN A 331 -20.40 11.56 22.94
N PRO A 332 -21.69 11.93 23.00
CA PRO A 332 -22.17 13.03 22.14
C PRO A 332 -21.40 14.32 22.31
N LYS A 333 -20.92 14.62 23.52
CA LYS A 333 -20.22 15.88 23.74
C LYS A 333 -18.95 15.96 22.88
N GLU A 334 -18.10 14.95 22.95
CA GLU A 334 -16.86 14.99 22.19
C GLU A 334 -17.10 14.77 20.70
N ALA A 335 -18.15 14.02 20.35
CA ALA A 335 -18.53 13.91 18.95
C ALA A 335 -18.87 15.28 18.38
N LYS A 336 -19.59 16.05 19.18
CA LYS A 336 -20.04 17.36 18.69
C LYS A 336 -18.82 18.27 18.64
N ALA A 337 -17.93 18.16 19.60
CA ALA A 337 -16.72 18.97 19.63
C ALA A 337 -15.86 18.71 18.40
N LEU A 338 -15.57 17.44 18.12
CA LEU A 338 -14.70 17.11 17.00
C LEU A 338 -15.32 17.50 15.67
N LEU A 339 -16.56 17.19 15.41
CA LEU A 339 -17.12 17.53 14.08
C LEU A 339 -17.36 19.04 13.98
N THR A 340 -17.56 19.77 15.09
CA THR A 340 -17.58 21.22 15.00
C THR A 340 -16.20 21.77 14.66
N GLN A 341 -15.14 21.22 15.25
CA GLN A 341 -13.80 21.63 14.88
C GLN A 341 -13.55 21.42 13.39
N ALA A 342 -13.89 20.22 12.90
CA ALA A 342 -13.66 19.92 11.49
C ALA A 342 -14.48 20.83 10.58
N LEU A 343 -15.75 21.04 10.90
CA LEU A 343 -16.59 21.88 10.05
C LEU A 343 -16.13 23.34 10.07
N ASN A 344 -15.71 23.84 11.24
CA ASN A 344 -15.24 25.21 11.32
C ASN A 344 -13.95 25.39 10.54
N SER A 345 -13.03 24.42 10.64
CA SER A 345 -11.80 24.51 9.87
C SER A 345 -12.08 24.46 8.38
N TYR A 346 -12.98 23.57 7.94
CA TYR A 346 -13.34 23.51 6.53
C TYR A 346 -13.96 24.82 6.07
N LYS A 347 -14.85 25.40 6.87
CA LYS A 347 -15.46 26.67 6.50
C LYS A 347 -14.46 27.80 6.42
N GLU A 348 -13.50 27.86 7.34
CA GLU A 348 -12.55 28.97 7.32
C GLU A 348 -11.51 28.79 6.21
N GLN A 349 -11.22 27.54 5.83
CA GLN A 349 -10.37 27.33 4.66
C GLN A 349 -11.11 27.60 3.36
N ASN A 350 -12.35 27.12 3.25
CA ASN A 350 -13.04 27.11 1.96
C ASN A 350 -14.14 28.15 1.84
N GLY A 351 -14.53 28.80 2.92
CA GLY A 351 -15.56 29.82 2.86
C GLY A 351 -16.98 29.32 2.93
N VAL A 352 -17.18 28.00 2.97
CA VAL A 352 -18.52 27.42 3.04
C VAL A 352 -18.41 26.04 3.67
N PHE A 353 -19.53 25.59 4.23
CA PHE A 353 -19.57 24.28 4.87
C PHE A 353 -19.54 23.17 3.82
N PRO A 354 -18.98 22.01 4.15
CA PRO A 354 -18.93 20.91 3.18
C PRO A 354 -20.33 20.46 2.77
N LYS A 355 -20.44 20.09 1.50
CA LYS A 355 -21.68 19.53 0.97
C LYS A 355 -21.79 18.03 1.24
N GLU A 356 -20.72 17.42 1.77
CA GLU A 356 -20.70 15.97 2.12
C GLU A 356 -19.54 15.68 3.05
N ILE A 357 -19.70 14.78 3.98
CA ILE A 357 -18.63 14.49 4.97
C ILE A 357 -18.63 13.00 5.24
N PHE A 358 -17.51 12.32 5.09
CA PHE A 358 -17.45 10.86 5.25
C PHE A 358 -16.55 10.58 6.43
N ILE A 359 -17.03 9.91 7.45
CA ILE A 359 -16.21 9.74 8.68
C ILE A 359 -15.66 8.33 8.73
N HIS A 360 -14.63 8.03 7.97
CA HIS A 360 -14.02 6.72 7.83
C HIS A 360 -13.51 6.27 9.19
N ALA A 361 -13.89 5.06 9.59
CA ALA A 361 -13.47 4.52 10.87
C ALA A 361 -13.09 3.06 10.70
N LYS A 362 -12.26 2.58 11.62
CA LYS A 362 -11.81 1.19 11.64
C LYS A 362 -12.80 0.27 12.36
N THR A 363 -13.79 0.85 13.05
CA THR A 363 -14.76 0.09 13.81
C THR A 363 -16.15 0.57 13.43
N LYS A 364 -17.15 0.12 14.18
CA LYS A 364 -18.54 0.47 13.91
C LYS A 364 -18.93 1.74 14.67
N PHE A 365 -20.17 2.14 14.51
CA PHE A 365 -20.68 3.39 15.06
C PHE A 365 -21.91 3.11 15.91
N ASN A 366 -22.06 3.83 17.02
CA ASN A 366 -23.27 3.74 17.81
C ASN A 366 -24.35 4.67 17.27
N GLY A 367 -25.52 4.59 17.89
CA GLY A 367 -26.60 5.49 17.52
C GLY A 367 -26.42 6.90 18.08
N GLN A 368 -25.92 7.00 19.31
CA GLN A 368 -25.84 8.29 19.98
C GLN A 368 -24.76 9.20 19.40
N GLU A 369 -23.56 8.68 19.16
CA GLU A 369 -22.52 9.51 18.59
C GLU A 369 -22.87 9.90 17.16
N TRP A 370 -23.55 9.01 16.43
CA TRP A 370 -24.01 9.37 15.11
C TRP A 370 -25.11 10.42 15.15
N ASN A 371 -25.96 10.31 16.16
CA ASN A 371 -27.01 11.33 16.32
C ASN A 371 -26.34 12.56 16.92
N ALA A 372 -25.20 12.39 17.59
CA ALA A 372 -24.47 13.58 18.05
C ALA A 372 -23.87 14.24 16.82
N PHE A 373 -22.98 13.52 16.17
CA PHE A 373 -22.38 14.05 14.94
C PHE A 373 -23.53 14.58 14.09
N GLN A 374 -24.63 13.84 13.96
CA GLN A 374 -25.70 14.32 13.04
C GLN A 374 -26.23 15.68 13.50
N GLU A 375 -26.29 15.91 14.81
CA GLU A 375 -26.87 17.18 15.33
C GLU A 375 -26.04 18.37 14.85
N VAL A 376 -24.71 18.21 14.79
CA VAL A 376 -23.82 19.35 14.42
C VAL A 376 -23.60 19.39 12.90
N THR A 377 -24.23 18.47 12.15
CA THR A 377 -24.11 18.50 10.66
C THR A 377 -25.20 19.41 10.07
N PRO A 378 -24.84 20.45 9.28
CA PRO A 378 -25.84 21.29 8.61
C PRO A 378 -26.68 20.46 7.64
N GLU A 379 -27.91 20.89 7.36
CA GLU A 379 -28.82 20.11 6.47
C GLU A 379 -28.09 19.72 5.19
N GLY A 380 -27.49 20.69 4.48
CA GLY A 380 -26.83 20.40 3.19
C GLY A 380 -25.71 19.39 3.36
N THR A 381 -25.16 19.26 4.56
CA THR A 381 -23.98 18.38 4.77
C THR A 381 -24.44 16.93 4.93
N ASN A 382 -24.17 16.09 3.93
CA ASN A 382 -24.56 14.65 4.01
C ASN A 382 -23.50 13.91 4.84
N LEU A 383 -23.87 13.52 6.07
CA LEU A 383 -22.91 12.83 6.97
C LEU A 383 -22.96 11.32 6.68
N VAL A 384 -21.84 10.76 6.19
CA VAL A 384 -21.81 9.30 5.85
C VAL A 384 -20.78 8.61 6.75
N GLY A 385 -21.16 7.49 7.37
CA GLY A 385 -20.22 6.72 8.21
C GLY A 385 -19.73 5.50 7.47
N VAL A 386 -18.43 5.44 7.16
CA VAL A 386 -17.89 4.32 6.42
C VAL A 386 -16.91 3.57 7.31
N THR A 387 -17.14 2.28 7.49
CA THR A 387 -16.24 1.41 8.24
C THR A 387 -15.39 0.63 7.25
N ILE A 388 -14.07 0.71 7.44
CA ILE A 388 -13.10 0.08 6.55
C ILE A 388 -12.28 -0.90 7.38
N THR A 389 -12.34 -2.18 7.00
CA THR A 389 -11.63 -3.22 7.72
C THR A 389 -10.73 -3.98 6.76
N LYS A 390 -9.65 -4.53 7.31
CA LYS A 390 -8.69 -5.32 6.54
C LYS A 390 -8.60 -6.74 7.08
N THR A 391 -9.61 -7.14 7.86
CA THR A 391 -9.59 -8.42 8.55
C THR A 391 -10.40 -9.51 7.85
N LYS A 392 -11.52 -9.20 7.22
CA LYS A 392 -12.41 -10.22 6.70
C LYS A 392 -11.69 -11.10 5.68
N PRO A 393 -11.71 -12.42 5.86
CA PRO A 393 -10.88 -13.29 5.02
C PRO A 393 -11.55 -13.73 3.72
N LEU A 394 -11.45 -12.90 2.68
CA LEU A 394 -11.94 -13.33 1.34
C LEU A 394 -10.76 -13.21 0.37
N LYS A 395 -10.29 -14.33 -0.19
CA LYS A 395 -9.09 -14.26 -1.07
C LYS A 395 -9.44 -14.73 -2.48
N LEU A 396 -9.16 -13.91 -3.49
CA LEU A 396 -9.42 -14.31 -4.86
C LEU A 396 -8.12 -14.76 -5.51
N PHE A 397 -8.09 -16.00 -5.98
CA PHE A 397 -6.93 -16.54 -6.67
C PHE A 397 -7.18 -16.50 -8.17
N LYS A 398 -6.11 -16.28 -8.92
CA LYS A 398 -6.16 -16.30 -10.37
C LYS A 398 -5.98 -17.73 -10.85
N SER A 399 -6.75 -18.13 -11.87
CA SER A 399 -6.69 -19.54 -12.36
C SER A 399 -5.33 -19.84 -12.99
N GLU A 400 -4.73 -18.85 -13.66
CA GLU A 400 -3.44 -19.11 -14.37
C GLU A 400 -2.44 -17.99 -14.07
N GLY A 401 -1.15 -18.28 -14.14
CA GLY A 401 -0.11 -17.26 -13.92
C GLY A 401 0.28 -17.17 -12.45
N ASN A 402 1.54 -16.82 -12.18
CA ASN A 402 2.02 -16.66 -10.79
C ASN A 402 1.68 -15.24 -10.33
N TYR A 403 0.99 -14.47 -11.18
CA TYR A 403 0.65 -13.06 -10.84
C TYR A 403 -0.75 -13.00 -10.26
N PRO A 404 -0.97 -12.18 -9.21
CA PRO A 404 -2.27 -12.08 -8.57
C PRO A 404 -3.35 -11.27 -9.24
N ILE A 405 -4.46 -11.01 -8.54
CA ILE A 405 -5.61 -10.27 -9.12
C ILE A 405 -5.22 -8.79 -9.29
N MET A 406 -5.77 -8.13 -10.30
CA MET A 406 -5.46 -6.69 -10.56
C MET A 406 -6.01 -5.82 -9.43
N ARG A 407 -5.31 -4.73 -9.10
CA ARG A 407 -5.81 -3.77 -8.08
C ARG A 407 -6.98 -2.98 -8.69
N GLY A 408 -7.97 -2.63 -7.88
CA GLY A 408 -9.14 -1.87 -8.39
C GLY A 408 -10.36 -2.76 -8.53
N ASN A 409 -10.16 -4.08 -8.56
CA ASN A 409 -11.30 -5.03 -8.62
C ASN A 409 -12.09 -4.91 -7.32
N ALA A 410 -13.40 -5.19 -7.35
CA ALA A 410 -14.22 -5.01 -6.14
C ALA A 410 -15.40 -5.97 -6.12
N PHE A 411 -15.72 -6.54 -4.96
CA PHE A 411 -16.95 -7.38 -4.83
C PHE A 411 -18.01 -6.56 -4.10
N ILE A 412 -19.13 -6.22 -4.75
CA ILE A 412 -20.24 -5.48 -4.08
C ILE A 412 -21.13 -6.47 -3.34
N VAL A 413 -20.96 -6.62 -2.04
CA VAL A 413 -21.72 -7.57 -1.22
C VAL A 413 -23.19 -7.22 -1.22
N ASN A 414 -23.52 -5.95 -0.97
CA ASN A 414 -24.90 -5.49 -0.99
C ASN A 414 -24.90 -4.00 -1.32
N GLU A 415 -26.07 -3.37 -1.13
CA GLU A 415 -26.18 -1.95 -1.41
C GLU A 415 -25.35 -1.09 -0.47
N ARG A 416 -24.94 -1.63 0.69
CA ARG A 416 -24.24 -0.76 1.67
C ARG A 416 -22.94 -1.41 2.17
N SER A 417 -22.38 -2.38 1.43
CA SER A 417 -21.08 -2.98 1.83
C SER A 417 -20.42 -3.62 0.60
N ALA A 418 -19.09 -3.64 0.55
CA ALA A 418 -18.40 -4.18 -0.65
C ALA A 418 -16.91 -4.46 -0.37
N PHE A 419 -16.33 -5.41 -1.10
CA PHE A 419 -14.91 -5.72 -0.99
C PHE A 419 -14.17 -4.96 -2.06
N LEU A 420 -13.05 -4.32 -1.69
CA LEU A 420 -12.24 -3.57 -2.68
C LEU A 420 -10.78 -4.04 -2.57
N TRP A 421 -10.18 -4.42 -3.71
CA TRP A 421 -8.78 -4.88 -3.73
C TRP A 421 -7.85 -3.67 -3.88
N THR A 422 -7.49 -3.03 -2.77
CA THR A 422 -6.55 -1.87 -2.81
C THR A 422 -5.12 -2.39 -2.88
N VAL A 423 -4.91 -3.68 -2.64
CA VAL A 423 -3.56 -4.29 -2.85
C VAL A 423 -3.74 -5.21 -4.05
N GLY A 424 -2.69 -5.46 -4.84
CA GLY A 424 -2.98 -6.26 -6.03
C GLY A 424 -1.85 -6.28 -7.03
N TYR A 425 -2.19 -6.32 -8.31
CA TYR A 425 -1.18 -6.32 -9.39
C TYR A 425 -1.43 -5.12 -10.19
N VAL A 426 -0.39 -4.36 -10.46
CA VAL A 426 -0.50 -3.12 -11.23
C VAL A 426 0.07 -3.39 -12.62
N PRO A 427 -0.74 -3.35 -13.67
CA PRO A 427 -0.20 -3.57 -15.02
C PRO A 427 0.87 -2.55 -15.41
N LYS A 428 0.72 -1.29 -14.98
CA LYS A 428 1.67 -0.26 -15.38
C LYS A 428 3.05 -0.55 -14.84
N THR A 429 3.17 -0.86 -13.55
CA THR A 429 4.45 -1.17 -12.95
C THR A 429 4.81 -2.65 -13.08
N GLU A 430 3.88 -3.48 -13.56
CA GLU A 430 4.12 -4.91 -13.72
C GLU A 430 4.63 -5.54 -12.42
N SER A 431 4.02 -5.13 -11.31
CA SER A 431 4.44 -5.58 -10.00
C SER A 431 3.24 -5.61 -9.08
N THR A 432 3.48 -5.99 -7.83
CA THR A 432 2.44 -6.13 -6.83
C THR A 432 2.80 -5.34 -5.58
N LEU A 433 1.78 -4.78 -4.96
CA LEU A 433 2.00 -3.96 -3.77
C LEU A 433 2.29 -4.88 -2.58
N SER A 434 1.97 -6.17 -2.69
CA SER A 434 2.24 -7.15 -1.62
C SER A 434 2.72 -8.46 -2.27
N MET A 435 3.77 -9.07 -1.72
CA MET A 435 4.32 -10.32 -2.31
C MET A 435 3.39 -11.49 -1.99
N GLU A 436 2.35 -11.24 -1.16
CA GLU A 436 1.39 -12.30 -0.78
C GLU A 436 0.10 -12.12 -1.57
N VAL A 437 -0.81 -13.12 -1.53
CA VAL A 437 -2.09 -13.01 -2.22
C VAL A 437 -2.79 -11.73 -1.75
N PRO A 438 -3.38 -10.94 -2.64
CA PRO A 438 -4.00 -9.68 -2.22
C PRO A 438 -5.14 -9.90 -1.25
N ASN A 439 -5.11 -9.17 -0.13
CA ASN A 439 -6.22 -9.24 0.86
C ASN A 439 -7.13 -8.03 0.65
N PRO A 440 -8.37 -8.21 0.14
CA PRO A 440 -9.30 -7.09 -0.07
C PRO A 440 -9.81 -6.46 1.22
N ILE A 441 -9.99 -5.13 1.23
CA ILE A 441 -10.52 -4.42 2.37
C ILE A 441 -12.04 -4.33 2.23
N PHE A 442 -12.73 -4.56 3.35
CA PHE A 442 -14.17 -4.50 3.41
C PHE A 442 -14.61 -3.08 3.73
N ILE A 443 -15.41 -2.49 2.84
CA ILE A 443 -15.96 -1.16 3.02
C ILE A 443 -17.45 -1.30 3.25
N GLU A 444 -17.94 -0.78 4.37
CA GLU A 444 -19.37 -0.83 4.69
C GLU A 444 -19.86 0.57 5.00
N ILE A 445 -21.00 0.94 4.41
CA ILE A 445 -21.62 2.22 4.74
C ILE A 445 -22.38 2.04 6.04
N ASN A 446 -21.72 2.34 7.16
CA ASN A 446 -22.29 2.04 8.47
C ASN A 446 -23.54 2.86 8.73
N LYS A 447 -23.45 4.18 8.55
CA LYS A 447 -24.56 5.08 8.84
C LYS A 447 -24.63 6.14 7.76
N GLY A 448 -25.84 6.61 7.49
CA GLY A 448 -26.06 7.57 6.42
C GLY A 448 -26.33 6.90 5.10
N GLU A 449 -26.73 7.72 4.13
CA GLU A 449 -27.13 7.25 2.81
C GLU A 449 -26.06 7.70 1.82
N ALA A 450 -25.52 6.74 1.07
CA ALA A 450 -24.52 7.03 0.05
C ALA A 450 -24.66 5.97 -1.05
N ASP A 451 -23.69 5.94 -1.95
CA ASP A 451 -23.60 4.94 -3.00
C ASP A 451 -22.29 4.19 -2.83
N ILE A 452 -22.37 2.86 -2.77
CA ILE A 452 -21.18 2.06 -2.43
C ILE A 452 -20.11 2.18 -3.51
N GLU A 453 -20.51 2.30 -4.78
CA GLU A 453 -19.52 2.48 -5.85
C GLU A 453 -18.74 3.78 -5.65
N GLN A 454 -19.44 4.86 -5.32
CA GLN A 454 -18.76 6.12 -5.06
C GLN A 454 -17.82 6.01 -3.86
N VAL A 455 -18.24 5.29 -2.83
CA VAL A 455 -17.39 5.12 -1.65
C VAL A 455 -16.12 4.36 -2.02
N LEU A 456 -16.24 3.30 -2.83
CA LEU A 456 -15.05 2.57 -3.24
C LEU A 456 -14.14 3.42 -4.10
N LYS A 457 -14.71 4.21 -5.02
CA LYS A 457 -13.89 5.10 -5.82
C LYS A 457 -13.14 6.11 -4.95
N ASP A 458 -13.83 6.66 -3.96
CA ASP A 458 -13.20 7.61 -3.05
C ASP A 458 -12.11 6.95 -2.23
N VAL A 459 -12.31 5.70 -1.81
CA VAL A 459 -11.30 4.99 -1.03
C VAL A 459 -10.06 4.77 -1.89
N LEU A 460 -10.26 4.35 -3.13
CA LEU A 460 -9.09 4.19 -4.02
C LEU A 460 -8.47 5.57 -4.17
N ALA A 461 -9.29 6.59 -4.46
CA ALA A 461 -8.73 7.94 -4.68
C ALA A 461 -7.86 8.33 -3.49
N LEU A 462 -8.33 8.14 -2.26
CA LEU A 462 -7.57 8.59 -1.09
C LEU A 462 -6.28 7.82 -0.93
N THR A 463 -6.28 6.59 -1.38
CA THR A 463 -5.07 5.80 -1.29
C THR A 463 -3.94 6.39 -2.14
N LYS A 464 -4.23 6.82 -3.38
CA LYS A 464 -3.19 7.48 -4.19
C LYS A 464 -2.50 8.51 -3.32
N LEU A 465 -3.25 9.27 -2.53
CA LEU A 465 -2.55 10.34 -1.78
C LEU A 465 -1.52 9.75 -0.82
N ASN A 466 -0.23 9.89 -1.14
CA ASN A 466 0.85 9.40 -0.25
C ASN A 466 2.16 10.10 -0.63
N TYR A 467 2.36 11.34 -0.16
CA TYR A 467 3.63 12.06 -0.44
C TYR A 467 4.76 11.37 0.33
N ASN A 468 4.50 11.02 1.59
CA ASN A 468 5.51 10.34 2.44
C ASN A 468 6.28 9.31 1.59
N ALA A 469 5.59 8.53 0.77
CA ALA A 469 6.29 7.48 0.01
C ALA A 469 5.80 7.49 -1.43
N CYS A 470 6.70 7.60 -2.41
CA CYS A 470 6.27 7.72 -3.81
C CYS A 470 6.06 6.31 -4.36
N ILE A 471 4.82 5.92 -4.65
CA ILE A 471 4.50 4.53 -5.09
C ILE A 471 3.28 4.63 -5.97
N TYR A 472 3.05 3.67 -6.87
CA TYR A 472 1.90 3.83 -7.80
C TYR A 472 0.77 4.14 -6.93
N ALA A 473 0.70 3.47 -5.78
CA ALA A 473 -0.44 3.63 -4.86
C ALA A 473 -0.18 2.86 -3.56
N ASP A 474 -1.08 2.96 -2.60
CA ASP A 474 -0.91 2.29 -1.29
C ASP A 474 -2.13 1.41 -1.04
N GLY A 475 -2.11 0.63 0.04
CA GLY A 475 -3.21 -0.31 0.30
C GLY A 475 -4.32 0.32 1.11
N VAL A 476 -3.96 1.10 2.13
CA VAL A 476 -4.98 1.71 2.99
C VAL A 476 -5.22 3.14 2.53
N PRO A 477 -6.45 3.63 2.56
CA PRO A 477 -6.69 5.04 2.27
C PRO A 477 -6.01 5.93 3.29
N VAL A 478 -5.63 7.13 2.84
CA VAL A 478 -4.83 8.03 3.67
C VAL A 478 -5.60 8.45 4.92
N THR A 479 -6.93 8.41 4.88
CA THR A 479 -7.73 8.75 6.06
C THR A 479 -7.43 7.81 7.22
N LEU A 480 -7.13 6.54 6.93
CA LEU A 480 -6.79 5.57 7.96
C LEU A 480 -5.40 5.00 7.80
N ARG A 481 -4.63 5.44 6.81
CA ARG A 481 -3.31 4.87 6.57
C ARG A 481 -2.38 5.13 7.75
N PHE A 482 -2.40 6.36 8.27
CA PHE A 482 -1.49 6.72 9.39
C PHE A 482 -2.32 6.83 10.69
N ALA A 483 -3.41 6.06 10.77
CA ALA A 483 -4.28 6.13 11.97
C ALA A 483 -3.48 5.75 13.22
N ASP A 484 -2.81 4.60 13.20
CA ASP A 484 -2.05 4.13 14.39
C ASP A 484 -0.91 5.11 14.67
N LYS A 485 -0.19 5.54 13.63
CA LYS A 485 0.96 6.47 13.81
C LYS A 485 0.47 7.74 14.51
N ILE A 486 -0.54 8.41 13.94
CA ILE A 486 -1.05 9.65 14.51
C ILE A 486 -1.56 9.40 15.93
N GLY A 487 -2.20 8.26 16.16
CA GLY A 487 -2.62 7.93 17.51
C GLY A 487 -1.45 7.84 18.48
N GLU A 488 -0.36 7.20 18.03
CA GLU A 488 0.81 7.09 18.89
C GLU A 488 1.42 8.46 19.13
N ILE A 489 1.45 9.30 18.09
CA ILE A 489 1.90 10.69 18.25
C ILE A 489 1.09 11.38 19.34
N LEU A 490 -0.23 11.21 19.30
CA LEU A 490 -1.09 11.94 20.22
C LEU A 490 -0.93 11.46 21.65
N THR A 491 -0.86 10.14 21.85
CA THR A 491 -0.65 9.62 23.20
C THR A 491 0.79 9.78 23.67
N ALA A 492 1.71 10.16 22.79
CA ALA A 492 3.06 10.50 23.24
C ALA A 492 3.03 11.73 24.14
N SER A 493 2.18 12.71 23.83
CA SER A 493 2.00 13.89 24.65
C SER A 493 0.55 14.35 24.51
N THR A 494 -0.29 13.97 25.48
CA THR A 494 -1.69 14.37 25.48
C THR A 494 -1.94 15.64 26.28
N GLU A 495 -1.04 16.00 27.20
CA GLU A 495 -1.23 17.21 28.00
C GLU A 495 -1.22 18.46 27.12
N LEU A 496 -0.34 18.50 26.13
CA LEU A 496 -0.24 19.67 25.27
C LEU A 496 -1.51 19.81 24.42
N LYS A 497 -2.05 21.01 24.33
CA LYS A 497 -3.30 21.20 23.58
C LYS A 497 -2.95 21.78 22.21
N ALA A 498 -2.71 20.90 21.23
CA ALA A 498 -2.31 21.36 19.89
C ALA A 498 -3.45 22.09 19.20
N PRO A 499 -3.19 23.17 18.43
CA PRO A 499 -4.23 23.78 17.65
C PRO A 499 -4.38 22.84 16.44
N PRO A 500 -5.40 22.93 15.60
CA PRO A 500 -5.48 22.03 14.49
C PRO A 500 -4.27 22.18 13.57
N LEU A 501 -3.33 21.22 13.60
CA LEU A 501 -2.12 21.29 12.75
C LEU A 501 -2.30 20.40 11.52
N ALA A 502 -1.30 20.35 10.63
CA ALA A 502 -1.39 19.55 9.40
C ALA A 502 -0.44 18.35 9.49
N PHE A 503 -0.53 17.41 8.54
CA PHE A 503 0.32 16.20 8.56
C PHE A 503 1.81 16.60 8.47
N LYS A 504 2.09 17.75 7.87
CA LYS A 504 3.49 18.24 7.79
C LYS A 504 4.13 18.22 9.18
N TYR A 505 3.31 18.10 10.23
CA TYR A 505 3.84 18.10 11.62
C TYR A 505 3.51 16.77 12.30
N TYR A 506 3.07 15.77 11.52
CA TYR A 506 2.66 14.48 12.12
C TYR A 506 3.41 13.32 11.50
N ILE A 507 3.33 13.12 10.19
CA ILE A 507 3.97 11.97 9.57
C ILE A 507 5.47 12.19 9.46
N ASN B 2 8.85 17.81 -43.55
CA ASN B 2 9.98 18.26 -44.40
C ASN B 2 10.57 19.55 -43.81
N ALA B 3 9.77 20.29 -43.04
CA ALA B 3 10.27 21.53 -42.39
C ALA B 3 11.22 21.15 -41.26
N ARG B 4 12.28 21.94 -41.06
CA ARG B 4 13.24 21.67 -39.94
C ARG B 4 12.67 22.25 -38.64
N ASN B 5 11.62 21.62 -38.10
CA ASN B 5 11.04 22.08 -36.80
C ASN B 5 11.20 20.97 -35.76
N LYS B 6 11.31 19.72 -36.20
CA LYS B 6 11.48 18.58 -35.26
C LYS B 6 12.96 18.43 -34.91
N ILE B 7 13.37 18.96 -33.76
CA ILE B 7 14.78 18.80 -33.31
C ILE B 7 15.09 17.30 -33.24
N PHE B 8 16.13 16.84 -33.94
CA PHE B 8 16.44 15.39 -33.98
C PHE B 8 17.34 15.01 -32.80
N ILE B 9 16.93 14.03 -32.00
CA ILE B 9 17.77 13.55 -30.86
C ILE B 9 18.18 12.10 -31.15
N SER B 10 19.44 11.87 -31.50
CA SER B 10 19.93 10.49 -31.74
C SER B 10 20.61 9.96 -30.47
N HIS B 11 20.50 8.66 -30.20
CA HIS B 11 21.04 8.09 -28.93
C HIS B 11 21.08 6.57 -29.01
N ALA B 12 21.69 5.92 -28.01
CA ALA B 12 21.65 4.44 -27.95
C ALA B 12 20.22 4.02 -27.66
N ALA B 13 19.67 3.09 -28.43
CA ALA B 13 18.24 2.70 -28.25
C ALA B 13 17.92 2.40 -26.78
N PRO B 14 18.64 1.50 -26.08
CA PRO B 14 18.39 1.26 -24.65
C PRO B 14 19.34 1.99 -23.68
N ASP B 15 20.62 2.13 -24.06
CA ASP B 15 21.61 2.74 -23.14
C ASP B 15 21.21 4.19 -22.82
N ASP B 16 20.84 4.97 -23.83
CA ASP B 16 20.47 6.39 -23.63
C ASP B 16 18.95 6.53 -23.64
N ASN B 17 18.23 5.40 -23.65
CA ASN B 17 16.74 5.42 -23.69
C ASN B 17 16.19 6.35 -22.60
N ASP B 18 16.40 6.02 -21.33
CA ASP B 18 15.80 6.83 -20.23
C ASP B 18 16.12 8.31 -20.42
N PHE B 19 17.41 8.65 -20.58
CA PHE B 19 17.80 10.08 -20.69
C PHE B 19 17.03 10.72 -21.85
N THR B 20 17.04 10.07 -23.01
CA THR B 20 16.37 10.64 -24.21
C THR B 20 14.88 10.82 -23.91
N LYS B 21 14.19 9.74 -23.50
CA LYS B 21 12.73 9.83 -23.25
C LYS B 21 12.45 11.05 -22.37
N TRP B 22 13.26 11.25 -21.32
CA TRP B 22 13.10 12.43 -20.44
C TRP B 22 13.32 13.70 -21.25
N LEU B 23 14.49 13.83 -21.89
CA LEU B 23 14.82 15.06 -22.61
C LEU B 23 13.81 15.35 -23.72
N ALA B 24 13.41 14.30 -24.44
CA ALA B 24 12.42 14.48 -25.53
C ALA B 24 11.15 15.13 -24.99
N LEU B 25 10.50 14.50 -24.00
CA LEU B 25 9.20 15.02 -23.48
C LEU B 25 9.39 16.40 -22.86
N LYS B 26 10.50 16.63 -22.13
CA LYS B 26 10.78 17.95 -21.54
C LYS B 26 10.81 18.99 -22.66
N LEU B 27 11.61 18.72 -23.71
CA LEU B 27 11.73 19.67 -24.85
C LEU B 27 10.32 19.91 -25.43
N ILE B 28 9.54 18.85 -25.62
CA ILE B 28 8.17 18.97 -26.22
C ILE B 28 7.32 19.92 -25.38
N ALA B 29 7.33 19.76 -24.05
CA ALA B 29 6.52 20.62 -23.16
C ALA B 29 6.77 22.10 -23.48
N LEU B 30 7.98 22.44 -23.91
CA LEU B 30 8.33 23.87 -24.19
C LEU B 30 7.70 24.31 -25.53
N GLY B 31 7.23 23.37 -26.34
CA GLY B 31 6.68 23.72 -27.66
C GLY B 31 7.66 23.34 -28.76
N TYR B 32 8.88 22.93 -28.39
CA TYR B 32 9.88 22.49 -29.39
C TYR B 32 9.42 21.17 -30.01
N GLU B 33 9.28 21.13 -31.35
CA GLU B 33 8.94 19.85 -31.97
C GLU B 33 10.17 18.94 -31.95
N VAL B 34 9.93 17.67 -31.66
CA VAL B 34 11.02 16.72 -31.41
C VAL B 34 10.84 15.48 -32.27
N TRP B 35 11.95 14.95 -32.76
CA TRP B 35 11.98 13.66 -33.42
C TRP B 35 13.04 12.79 -32.77
N CYS B 36 12.61 11.63 -32.29
CA CYS B 36 13.52 10.60 -31.82
C CYS B 36 12.85 9.24 -32.00
N ASP B 37 13.63 8.18 -31.80
CA ASP B 37 13.12 6.84 -32.04
C ASP B 37 12.17 6.39 -30.94
N VAL B 38 12.39 6.89 -29.71
CA VAL B 38 11.54 6.49 -28.55
C VAL B 38 10.13 7.05 -28.75
N LEU B 39 9.96 8.12 -29.48
CA LEU B 39 8.59 8.68 -29.54
C LEU B 39 7.88 7.85 -30.57
N PHE B 40 8.48 6.73 -30.95
CA PHE B 40 7.85 5.97 -32.05
C PHE B 40 7.55 4.53 -31.62
N LEU B 41 6.40 3.98 -32.06
CA LEU B 41 5.96 2.65 -31.60
C LEU B 41 6.31 1.58 -32.63
N ASP B 42 5.77 1.72 -33.84
CA ASP B 42 5.99 0.69 -34.89
C ASP B 42 7.30 0.98 -35.62
N LYS B 43 8.42 0.52 -35.07
CA LYS B 43 9.71 0.69 -35.78
C LYS B 43 10.16 -0.70 -36.24
N GLY B 44 10.43 -0.85 -37.54
CA GLY B 44 10.83 -2.16 -38.08
C GLY B 44 12.19 -2.14 -38.76
N ALA B 45 12.21 -2.24 -40.10
CA ALA B 45 13.49 -2.27 -40.85
C ALA B 45 13.52 -1.16 -41.90
N ASP B 46 12.65 -0.15 -41.78
CA ASP B 46 12.69 1.02 -42.69
C ASP B 46 12.86 2.28 -41.84
N PHE B 47 12.70 2.17 -40.53
CA PHE B 47 12.73 3.33 -39.61
C PHE B 47 14.01 4.14 -39.86
N TRP B 48 15.15 3.46 -40.07
CA TRP B 48 16.41 4.18 -40.39
C TRP B 48 16.18 5.06 -41.62
N LYS B 49 15.45 4.55 -42.60
CA LYS B 49 15.12 5.36 -43.81
C LYS B 49 14.38 6.63 -43.33
N VAL B 50 13.45 6.48 -42.39
CA VAL B 50 12.74 7.66 -41.82
C VAL B 50 13.78 8.48 -41.05
N ILE B 51 14.59 7.83 -40.21
CA ILE B 51 15.66 8.55 -39.46
C ILE B 51 16.46 9.38 -40.48
N ASP B 52 16.88 8.77 -41.58
CA ASP B 52 17.55 9.57 -42.64
C ASP B 52 16.63 10.67 -43.13
N LYS B 53 15.49 10.34 -43.73
CA LYS B 53 14.66 11.43 -44.31
C LYS B 53 14.52 12.50 -43.24
N GLU B 54 14.68 12.14 -41.98
CA GLU B 54 14.46 13.15 -40.94
C GLU B 54 15.72 13.97 -40.70
N ILE B 55 16.87 13.31 -40.53
CA ILE B 55 18.13 14.04 -40.20
C ILE B 55 18.44 14.98 -41.34
N ARG B 56 18.12 14.58 -42.55
CA ARG B 56 18.56 15.42 -43.70
C ARG B 56 17.49 16.43 -44.09
N GLU B 57 16.20 16.10 -43.96
CA GLU B 57 15.14 17.02 -44.43
C GLU B 57 14.56 17.83 -43.26
N GLY B 58 14.29 17.20 -42.12
CA GLY B 58 13.65 17.93 -41.00
C GLY B 58 14.45 17.87 -39.71
N ALA B 59 15.41 18.79 -39.54
CA ALA B 59 16.23 18.85 -38.30
C ALA B 59 16.95 20.20 -38.22
N ILE B 60 16.44 21.13 -37.40
CA ILE B 60 17.09 22.45 -37.26
C ILE B 60 18.20 22.22 -36.26
N LYS B 61 18.24 21.06 -35.61
CA LYS B 61 19.40 20.78 -34.75
C LYS B 61 19.61 19.28 -34.66
N PHE B 62 20.82 18.88 -34.28
CA PHE B 62 21.13 17.46 -34.09
C PHE B 62 21.76 17.31 -32.72
N LEU B 63 20.93 17.17 -31.69
CA LEU B 63 21.43 16.91 -30.35
C LEU B 63 21.61 15.42 -30.17
N LEU B 64 22.81 15.02 -29.79
CA LEU B 64 23.12 13.60 -29.68
C LEU B 64 23.62 13.28 -28.29
N ALA B 65 22.98 12.30 -27.69
CA ALA B 65 23.41 11.85 -26.38
C ALA B 65 24.78 11.25 -26.59
N THR B 66 25.72 11.68 -25.80
CA THR B 66 27.09 11.18 -25.91
C THR B 66 27.46 10.41 -24.66
N SER B 67 27.72 9.12 -24.90
CA SER B 67 28.08 8.18 -23.82
C SER B 67 29.08 7.12 -24.33
N GLU B 68 29.97 6.61 -23.47
CA GLU B 68 30.96 5.63 -23.92
C GLU B 68 30.29 4.49 -24.68
N ILE B 69 29.19 4.00 -24.11
CA ILE B 69 28.45 2.88 -24.74
C ILE B 69 27.86 3.35 -26.04
N ALA B 70 27.39 4.58 -26.09
CA ALA B 70 26.67 4.99 -27.31
C ALA B 70 27.65 5.54 -28.31
N ILE B 71 28.81 5.96 -27.83
CA ILE B 71 29.79 6.41 -28.82
C ILE B 71 30.52 5.22 -29.43
N LYS B 72 30.44 4.06 -28.75
CA LYS B 72 31.02 2.83 -29.34
C LYS B 72 30.05 2.31 -30.41
N ARG B 73 28.77 2.64 -30.33
CA ARG B 73 27.78 2.00 -31.26
C ARG B 73 27.94 2.53 -32.67
N ASP B 74 28.12 1.61 -33.60
CA ASP B 74 28.38 1.97 -35.02
C ASP B 74 27.20 2.78 -35.56
N GLY B 75 25.97 2.38 -35.22
CA GLY B 75 24.78 3.13 -35.65
C GLY B 75 24.89 4.59 -35.25
N VAL B 76 25.29 4.85 -34.01
CA VAL B 76 25.50 6.22 -33.56
C VAL B 76 26.47 6.94 -34.49
N LEU B 77 27.59 6.29 -34.80
CA LEU B 77 28.60 6.88 -35.70
C LEU B 77 27.97 7.08 -37.09
N LYS B 78 27.12 6.14 -37.52
CA LYS B 78 26.43 6.27 -38.83
C LYS B 78 25.57 7.53 -38.82
N GLU B 79 24.78 7.72 -37.76
CA GLU B 79 23.92 8.93 -37.63
C GLU B 79 24.82 10.16 -37.63
N ILE B 80 25.93 10.11 -36.89
CA ILE B 80 26.90 11.25 -36.87
C ILE B 80 27.30 11.58 -38.30
N ALA B 81 27.73 10.58 -39.07
CA ALA B 81 28.21 10.86 -40.42
C ALA B 81 27.13 11.54 -41.26
N VAL B 82 25.89 11.05 -41.16
CA VAL B 82 24.80 11.67 -41.92
C VAL B 82 24.59 13.11 -41.46
N ALA B 83 24.61 13.35 -40.15
CA ALA B 83 24.42 14.69 -39.61
C ALA B 83 25.55 15.61 -40.03
N GLU B 84 26.74 15.08 -40.13
CA GLU B 84 27.86 15.92 -40.61
C GLU B 84 27.53 16.30 -42.04
N LYS B 85 27.21 15.30 -42.85
CA LYS B 85 26.94 15.57 -44.26
C LYS B 85 25.92 16.69 -44.41
N VAL B 86 24.88 16.66 -43.57
CA VAL B 86 23.83 17.72 -43.60
C VAL B 86 24.39 19.00 -43.00
N LYS B 87 25.12 18.89 -41.88
CA LYS B 87 25.69 20.08 -41.20
C LYS B 87 26.50 20.87 -42.23
N LYS B 88 27.28 20.17 -43.06
CA LYS B 88 28.08 20.85 -44.12
C LYS B 88 27.11 21.53 -45.10
N GLN B 89 26.06 20.83 -45.51
CA GLN B 89 25.04 21.42 -46.43
C GLN B 89 24.35 22.60 -45.72
N LEU B 90 24.11 22.48 -44.41
CA LEU B 90 23.38 23.54 -43.66
C LEU B 90 24.37 24.63 -43.24
N LYS B 91 25.67 24.33 -43.23
CA LYS B 91 26.68 25.31 -42.76
C LYS B 91 26.28 25.82 -41.38
N ASP B 92 25.73 24.94 -40.54
CA ASP B 92 25.25 25.36 -39.19
C ASP B 92 26.42 25.24 -38.20
N ASP B 93 27.29 24.25 -38.37
CA ASP B 93 28.46 24.04 -37.46
C ASP B 93 27.96 23.63 -36.08
N ASN B 94 27.14 24.48 -35.45
CA ASN B 94 26.54 24.11 -34.13
C ASN B 94 25.30 23.26 -34.39
N PHE B 95 25.16 22.71 -35.60
CA PHE B 95 24.02 21.82 -35.91
C PHE B 95 24.08 20.59 -35.01
N ILE B 96 25.24 19.93 -34.98
CA ILE B 96 25.42 18.75 -34.08
C ILE B 96 25.84 19.27 -32.70
N ILE B 97 25.05 18.97 -31.67
CA ILE B 97 25.36 19.45 -30.29
C ILE B 97 25.47 18.24 -29.36
N PRO B 98 26.66 17.64 -29.15
CA PRO B 98 26.82 16.56 -28.17
C PRO B 98 26.23 16.97 -26.82
N LEU B 99 25.65 15.97 -26.14
CA LEU B 99 25.08 16.13 -24.82
C LEU B 99 25.75 15.08 -23.94
N ILE B 100 26.89 15.42 -23.34
CA ILE B 100 27.67 14.43 -22.61
C ILE B 100 26.91 14.05 -21.35
N ILE B 101 26.60 12.76 -21.27
CA ILE B 101 25.76 12.25 -20.15
C ILE B 101 26.51 11.18 -19.36
N ASP B 102 27.76 10.87 -19.69
CA ASP B 102 28.53 9.83 -19.03
C ASP B 102 29.62 10.47 -18.17
N GLU B 103 29.63 10.12 -16.88
CA GLU B 103 30.64 10.65 -15.98
C GLU B 103 32.04 10.18 -16.34
N ASN B 104 32.21 8.91 -16.69
CA ASN B 104 33.51 8.33 -16.98
C ASN B 104 33.92 8.49 -18.43
N LEU B 105 33.10 9.15 -19.24
CA LEU B 105 33.48 9.42 -20.62
C LEU B 105 34.68 10.36 -20.66
N SER B 106 35.66 10.02 -21.49
CA SER B 106 36.82 10.86 -21.72
C SER B 106 36.72 11.48 -23.11
N TYR B 107 37.02 12.78 -23.19
CA TYR B 107 36.70 13.54 -24.39
C TYR B 107 37.50 13.05 -25.59
N ASP B 108 38.71 12.53 -25.37
CA ASP B 108 39.53 12.08 -26.49
C ASP B 108 38.87 10.95 -27.27
N ASP B 109 38.03 10.16 -26.59
CA ASP B 109 37.32 9.08 -27.25
C ASP B 109 36.23 9.58 -28.20
N LEU B 110 35.91 10.86 -28.16
CA LEU B 110 34.92 11.40 -29.10
C LEU B 110 35.44 11.27 -30.52
N PRO B 111 34.56 11.02 -31.49
CA PRO B 111 35.01 10.90 -32.89
C PRO B 111 35.64 12.19 -33.37
N PRO B 112 36.59 12.11 -34.29
CA PRO B 112 37.21 13.33 -34.82
C PRO B 112 36.22 14.25 -35.51
N GLU B 113 35.06 13.70 -35.90
CA GLU B 113 34.01 14.53 -36.56
C GLU B 113 33.45 15.52 -35.53
N ILE B 114 33.22 15.07 -34.30
CA ILE B 114 32.60 15.94 -33.26
C ILE B 114 33.58 16.12 -32.08
N ILE B 115 34.88 16.18 -32.38
CA ILE B 115 35.91 16.29 -31.30
C ILE B 115 36.09 17.77 -30.93
N ARG B 116 35.63 18.69 -31.77
CA ARG B 116 35.86 20.10 -31.51
C ARG B 116 34.58 20.91 -31.34
N LEU B 117 33.42 20.27 -31.38
CA LEU B 117 32.16 21.01 -31.34
C LEU B 117 31.82 21.42 -29.90
N ASN B 118 30.92 22.40 -29.80
CA ASN B 118 30.45 22.86 -28.50
C ASN B 118 29.43 21.89 -27.94
N ALA B 119 29.70 21.38 -26.73
CA ALA B 119 28.84 20.32 -26.14
C ALA B 119 28.16 20.73 -24.84
N VAL B 120 26.82 20.66 -24.79
CA VAL B 120 26.07 20.97 -23.53
C VAL B 120 26.28 19.80 -22.55
N ASP B 121 26.64 20.08 -21.31
CA ASP B 121 26.99 18.97 -20.38
C ASP B 121 25.83 18.64 -19.48
N PHE B 122 25.44 17.38 -19.43
CA PHE B 122 24.32 16.91 -18.59
C PHE B 122 24.90 15.89 -17.64
N LYS B 123 26.22 15.73 -17.64
CA LYS B 123 26.89 14.78 -16.71
C LYS B 123 26.82 15.35 -15.29
N LYS B 124 27.06 16.66 -15.14
CA LYS B 124 26.94 17.30 -13.80
C LYS B 124 25.50 17.13 -13.31
N SER B 125 24.52 17.43 -14.16
CA SER B 125 23.09 17.25 -13.80
C SER B 125 22.22 17.46 -15.05
N TRP B 126 21.06 16.80 -15.11
CA TRP B 126 20.13 16.97 -16.26
C TRP B 126 19.56 18.38 -16.25
N ALA B 127 19.14 18.86 -15.07
CA ALA B 127 18.52 20.20 -14.96
C ALA B 127 19.53 21.27 -15.40
N VAL B 128 20.76 21.20 -14.89
CA VAL B 128 21.77 22.26 -15.20
C VAL B 128 22.08 22.19 -16.70
N GLY B 129 22.21 20.98 -17.25
CA GLY B 129 22.45 20.82 -18.70
C GLY B 129 21.28 21.36 -19.49
N LEU B 130 20.06 21.14 -18.99
CA LEU B 130 18.84 21.66 -19.67
C LEU B 130 18.98 23.18 -19.86
N GLN B 131 19.24 23.93 -18.78
CA GLN B 131 19.31 25.38 -18.91
C GLN B 131 20.32 25.78 -19.99
N ASP B 132 21.50 25.17 -19.91
CA ASP B 132 22.57 25.44 -20.91
C ASP B 132 22.07 25.01 -22.29
N LEU B 133 21.46 23.83 -22.39
CA LEU B 133 20.90 23.36 -23.68
C LEU B 133 19.86 24.37 -24.16
N LEU B 134 18.91 24.74 -23.29
CA LEU B 134 17.85 25.71 -23.67
C LEU B 134 18.52 27.01 -24.10
N LYS B 135 19.52 27.48 -23.35
CA LYS B 135 20.18 28.77 -23.68
C LYS B 135 20.76 28.69 -25.08
N ALA B 136 21.50 27.61 -25.38
CA ALA B 136 22.14 27.45 -26.70
C ALA B 136 21.05 27.44 -27.77
N LEU B 137 19.96 26.69 -27.55
CA LEU B 137 18.86 26.61 -28.55
C LEU B 137 18.31 28.02 -28.82
N ASP B 138 18.05 28.80 -27.77
CA ASP B 138 17.47 30.15 -27.95
C ASP B 138 18.47 31.04 -28.70
N ASP B 139 19.75 30.95 -28.35
CA ASP B 139 20.81 31.75 -29.02
C ASP B 139 20.88 31.32 -30.49
N GLN B 140 20.57 30.05 -30.78
CA GLN B 140 20.54 29.58 -32.18
C GLN B 140 19.22 30.01 -32.82
N LYS B 141 18.43 30.82 -32.10
CA LYS B 141 17.14 31.34 -32.63
C LYS B 141 16.34 30.19 -33.24
N VAL B 142 16.34 29.03 -32.56
CA VAL B 142 15.51 27.89 -33.05
C VAL B 142 14.03 28.26 -32.90
N GLU B 143 13.17 27.79 -33.82
CA GLU B 143 11.73 28.15 -33.77
C GLU B 143 11.02 27.24 -32.77
N LYS B 144 10.09 27.80 -31.98
CA LYS B 144 9.33 26.98 -31.05
C LYS B 144 7.89 27.50 -31.02
N ASN B 145 6.96 26.57 -30.88
CA ASN B 145 5.55 26.91 -30.82
C ASN B 145 5.17 27.22 -29.37
N SER B 146 3.88 27.42 -29.12
CA SER B 146 3.43 27.67 -27.75
C SER B 146 3.69 26.43 -26.89
N PRO B 147 4.06 26.61 -25.62
CA PRO B 147 4.30 25.44 -24.77
C PRO B 147 3.07 24.55 -24.68
N ASP B 148 3.30 23.25 -24.71
CA ASP B 148 2.21 22.29 -24.70
C ASP B 148 2.60 21.05 -23.93
N PRO B 149 2.32 20.99 -22.63
CA PRO B 149 2.56 19.74 -21.89
C PRO B 149 1.44 18.74 -22.13
N ASP B 150 0.35 19.20 -22.75
CA ASP B 150 -0.71 18.29 -23.16
C ASP B 150 -0.22 17.30 -24.20
N LYS B 151 0.55 17.79 -25.18
CA LYS B 151 1.12 16.90 -26.19
C LYS B 151 2.12 15.93 -25.57
N SER B 152 2.93 16.40 -24.62
CA SER B 152 3.85 15.50 -23.94
C SER B 152 3.10 14.43 -23.16
N ASN B 153 2.02 14.80 -22.49
CA ASN B 153 1.21 13.82 -21.77
C ASN B 153 0.60 12.81 -22.73
N ALA B 154 0.09 13.27 -23.87
CA ALA B 154 -0.49 12.35 -24.85
C ALA B 154 0.57 11.38 -25.37
N LEU B 155 1.76 11.90 -25.69
CA LEU B 155 2.84 11.03 -26.17
C LEU B 155 3.23 10.01 -25.10
N TYR B 156 3.33 10.47 -23.86
CA TYR B 156 3.72 9.56 -22.74
C TYR B 156 2.76 8.37 -22.69
N GLN B 157 1.50 8.61 -22.35
CA GLN B 157 0.54 7.48 -22.16
C GLN B 157 0.46 6.60 -23.41
N GLN B 158 0.30 7.21 -24.59
CA GLN B 158 0.09 6.40 -25.82
C GLN B 158 1.30 5.53 -26.13
N ILE B 159 2.52 6.04 -25.93
CA ILE B 159 3.74 5.26 -26.32
C ILE B 159 4.36 4.59 -25.10
N PHE B 160 4.62 5.34 -24.03
CA PHE B 160 5.32 4.80 -22.88
C PHE B 160 4.48 3.71 -22.19
N LEU B 161 3.16 3.85 -22.26
CA LEU B 161 2.24 2.88 -21.69
C LEU B 161 1.39 2.19 -22.75
N HIS B 162 1.99 1.78 -23.87
CA HIS B 162 1.23 1.17 -24.95
C HIS B 162 0.65 -0.18 -24.52
N ASN B 163 1.47 -1.03 -23.92
CA ASN B 163 1.06 -2.36 -23.51
C ASN B 163 1.26 -2.55 -22.01
N LYS B 164 0.95 -1.50 -21.23
CA LYS B 164 1.06 -1.56 -19.79
C LYS B 164 -0.27 -1.28 -19.09
N GLY B 165 -1.38 -1.37 -19.83
CA GLY B 165 -2.69 -1.07 -19.31
C GLY B 165 -3.54 -2.31 -19.09
N ILE B 166 -4.85 -2.04 -18.96
CA ILE B 166 -5.81 -3.12 -18.73
C ILE B 166 -6.43 -3.54 -20.05
N ILE B 167 -6.96 -4.77 -20.08
CA ILE B 167 -7.64 -5.31 -21.24
C ILE B 167 -9.01 -5.80 -20.83
N GLU B 168 -10.01 -5.55 -21.67
CA GLU B 168 -11.38 -5.99 -21.43
C GLU B 168 -11.46 -7.46 -21.81
N ARG B 169 -11.01 -8.33 -20.90
CA ARG B 169 -11.03 -9.77 -21.13
C ARG B 169 -11.51 -10.45 -19.86
N GLU B 170 -12.53 -11.28 -19.98
CA GLU B 170 -13.15 -11.91 -18.81
C GLU B 170 -12.15 -12.82 -18.11
N GLU B 171 -12.07 -12.68 -16.79
CA GLU B 171 -11.16 -13.46 -15.96
C GLU B 171 -11.95 -14.15 -14.86
N ILE B 172 -11.79 -15.46 -14.75
CA ILE B 172 -12.48 -16.25 -13.73
C ILE B 172 -11.49 -16.54 -12.60
N TYR B 173 -11.89 -16.20 -11.38
CA TYR B 173 -11.06 -16.32 -10.21
C TYR B 173 -11.62 -17.38 -9.28
N ASP B 174 -10.71 -18.16 -8.69
CA ASP B 174 -11.04 -19.06 -7.61
C ASP B 174 -10.90 -18.31 -6.29
N SER B 175 -11.60 -18.78 -5.27
CA SER B 175 -11.61 -18.13 -3.98
C SER B 175 -11.27 -19.13 -2.89
N ASN B 176 -11.37 -18.69 -1.65
CA ASN B 176 -11.29 -19.59 -0.51
C ASN B 176 -12.65 -19.79 0.15
N TRP B 177 -13.71 -19.25 -0.45
CA TRP B 177 -15.07 -19.48 0.02
C TRP B 177 -15.61 -20.73 -0.65
N PHE B 178 -16.08 -21.68 0.15
CA PHE B 178 -16.65 -22.92 -0.37
C PHE B 178 -18.13 -22.99 -0.04
N SER B 179 -18.94 -23.12 -1.09
CA SER B 179 -20.39 -23.07 -0.94
C SER B 179 -20.89 -24.23 -0.08
N ILE B 180 -21.96 -23.95 0.68
CA ILE B 180 -22.61 -24.94 1.51
C ILE B 180 -23.89 -25.35 0.79
N LEU B 181 -23.94 -26.61 0.36
CA LEU B 181 -25.00 -27.05 -0.55
C LEU B 181 -26.34 -27.18 0.18
N SER B 182 -26.33 -27.72 1.40
CA SER B 182 -27.58 -27.94 2.11
C SER B 182 -27.32 -27.93 3.60
N PHE B 183 -28.37 -27.63 4.36
CA PHE B 183 -28.39 -27.62 5.80
C PHE B 183 -29.44 -28.60 6.31
N PRO B 184 -29.31 -29.07 7.56
CA PRO B 184 -30.42 -29.82 8.16
C PRO B 184 -31.67 -28.98 8.20
N LYS B 185 -32.82 -29.62 7.97
CA LYS B 185 -34.06 -28.89 7.76
C LYS B 185 -34.49 -28.13 9.02
N GLU B 186 -34.29 -28.72 10.19
CA GLU B 186 -34.77 -28.14 11.44
C GLU B 186 -33.61 -27.81 12.36
N LEU B 187 -33.69 -26.64 12.99
CA LEU B 187 -32.85 -26.27 14.11
C LEU B 187 -33.65 -26.45 15.39
N ARG B 188 -33.10 -27.21 16.33
CA ARG B 188 -33.83 -27.67 17.50
C ARG B 188 -33.18 -27.14 18.77
N PHE B 189 -34.01 -26.58 19.66
CA PHE B 189 -33.62 -26.16 20.99
C PHE B 189 -34.23 -27.14 21.99
N HIS B 190 -33.42 -27.56 22.96
CA HIS B 190 -33.80 -28.58 23.93
C HIS B 190 -33.74 -27.99 25.33
N ASP B 191 -34.67 -28.40 26.20
CA ASP B 191 -34.62 -27.95 27.61
C ASP B 191 -33.84 -28.97 28.43
N TYR B 192 -32.62 -29.30 28.00
CA TYR B 192 -31.78 -30.32 28.69
C TYR B 192 -31.34 -29.83 30.06
N GLU B 193 -31.20 -28.51 30.24
CA GLU B 193 -30.68 -27.96 31.52
C GLU B 193 -31.21 -28.75 32.72
N LYS B 194 -32.54 -28.83 32.90
CA LYS B 194 -33.10 -29.52 34.05
C LYS B 194 -32.56 -30.94 34.15
N LEU B 195 -32.15 -31.52 33.01
CA LEU B 195 -31.57 -32.85 32.98
C LEU B 195 -30.06 -32.83 32.71
N MET B 196 -29.45 -31.64 32.78
CA MET B 196 -27.99 -31.53 32.46
C MET B 196 -27.22 -31.19 33.76
N PRO B 197 -26.14 -31.93 34.10
CA PRO B 197 -25.34 -31.61 35.27
C PRO B 197 -24.83 -30.17 35.22
N LYS B 198 -24.95 -29.44 36.33
CA LYS B 198 -24.50 -28.02 36.37
C LYS B 198 -23.00 -27.95 36.11
N GLY B 199 -22.56 -26.96 35.32
CA GLY B 199 -21.12 -26.81 35.02
C GLY B 199 -20.70 -27.63 33.80
N PHE B 200 -21.67 -28.26 33.13
CA PHE B 200 -21.36 -29.09 31.93
C PHE B 200 -20.91 -28.18 30.78
N ASP B 201 -20.01 -28.67 29.92
CA ASP B 201 -19.51 -27.86 28.78
C ASP B 201 -20.18 -28.33 27.48
N VAL B 202 -20.76 -27.39 26.73
CA VAL B 202 -21.48 -27.75 25.47
C VAL B 202 -20.48 -28.12 24.37
N ARG B 203 -19.23 -27.63 24.49
CA ARG B 203 -18.19 -27.93 23.47
C ARG B 203 -17.80 -29.41 23.55
N GLU B 204 -17.84 -29.98 24.76
CA GLU B 204 -17.47 -31.40 24.95
C GLU B 204 -18.49 -32.31 24.28
N LEU B 205 -19.67 -31.77 23.93
CA LEU B 205 -20.76 -32.60 23.35
C LEU B 205 -20.31 -33.19 22.00
N THR B 206 -20.42 -34.51 21.85
CA THR B 206 -20.04 -35.22 20.60
C THR B 206 -20.51 -34.40 19.39
N TYR B 207 -21.83 -34.18 19.28
CA TYR B 207 -22.36 -33.37 18.19
C TYR B 207 -22.33 -31.88 18.56
N PRO B 208 -22.31 -31.00 17.57
CA PRO B 208 -22.29 -29.55 17.87
C PRO B 208 -23.56 -29.14 18.59
N ALA B 209 -23.38 -28.55 19.77
CA ALA B 209 -24.49 -28.04 20.57
C ALA B 209 -24.00 -26.81 21.33
N VAL B 210 -24.84 -25.78 21.37
CA VAL B 210 -24.46 -24.51 21.97
C VAL B 210 -25.47 -24.12 23.05
N ARG B 211 -24.97 -23.66 24.19
CA ARG B 211 -25.82 -23.13 25.24
C ARG B 211 -26.34 -21.77 24.82
N TYR B 212 -27.66 -21.57 24.92
CA TYR B 212 -28.26 -20.27 24.68
C TYR B 212 -29.46 -20.12 25.60
N LYS B 213 -29.43 -19.11 26.47
CA LYS B 213 -30.47 -18.86 27.47
C LYS B 213 -30.60 -20.14 28.30
N ASN B 214 -31.80 -20.69 28.45
CA ASN B 214 -32.02 -21.95 29.18
C ASN B 214 -32.19 -23.13 28.21
N TYR B 215 -31.46 -23.10 27.10
CA TYR B 215 -31.69 -24.04 26.01
C TYR B 215 -30.36 -24.55 25.47
N LEU B 216 -30.41 -25.75 24.89
CA LEU B 216 -29.31 -26.32 24.12
C LEU B 216 -29.71 -26.38 22.64
N CYS B 217 -28.91 -25.74 21.79
CA CYS B 217 -29.22 -25.60 20.38
C CYS B 217 -28.38 -26.55 19.55
N THR B 218 -29.02 -27.25 18.61
CA THR B 218 -28.30 -28.15 17.71
C THR B 218 -29.23 -28.54 16.57
N PHE B 219 -28.65 -29.15 15.54
CA PHE B 219 -29.44 -29.83 14.52
C PHE B 219 -29.71 -31.28 14.86
N ALA B 220 -29.16 -31.77 15.97
CA ALA B 220 -29.25 -33.18 16.30
C ALA B 220 -30.67 -33.58 16.71
N TRP B 221 -30.91 -34.89 16.75
CA TRP B 221 -32.24 -35.39 17.21
C TRP B 221 -32.32 -35.28 18.74
N GLU B 222 -33.53 -35.42 19.30
CA GLU B 222 -33.72 -35.25 20.78
C GLU B 222 -32.86 -36.25 21.56
N TYR B 223 -32.56 -37.43 20.98
CA TYR B 223 -31.83 -38.46 21.77
C TYR B 223 -30.51 -38.82 21.08
N ASP B 224 -29.48 -38.00 21.26
CA ASP B 224 -28.14 -38.28 20.69
C ASP B 224 -27.08 -38.03 21.78
N PHE B 225 -27.35 -37.11 22.70
CA PHE B 225 -26.39 -36.78 23.79
C PHE B 225 -26.71 -37.62 25.02
N MET B 226 -27.65 -38.57 24.89
CA MET B 226 -28.03 -39.44 26.04
C MET B 226 -26.79 -40.16 26.57
N HIS B 227 -25.84 -40.49 25.68
CA HIS B 227 -24.59 -41.17 26.10
C HIS B 227 -23.84 -40.28 27.09
N GLN B 228 -23.75 -38.98 26.79
CA GLN B 228 -23.02 -38.04 27.68
C GLN B 228 -23.98 -37.55 28.77
N LEU B 229 -25.26 -37.38 28.43
CA LEU B 229 -26.26 -36.87 29.41
C LEU B 229 -27.35 -37.94 29.60
N PRO B 230 -27.18 -38.90 30.53
CA PRO B 230 -28.16 -39.98 30.73
C PRO B 230 -29.56 -39.48 31.10
N LYS B 231 -29.65 -38.38 31.85
CA LYS B 231 -30.95 -37.87 32.26
C LYS B 231 -31.80 -37.44 31.07
N THR B 232 -31.17 -37.13 29.93
CA THR B 232 -31.93 -36.81 28.72
C THR B 232 -32.74 -37.98 28.21
N GLU B 233 -32.49 -39.19 28.72
CA GLU B 233 -33.37 -40.32 28.43
C GLU B 233 -34.80 -40.01 28.84
N THR B 234 -34.98 -39.15 29.84
CA THR B 234 -36.30 -38.76 30.31
C THR B 234 -36.83 -37.50 29.63
N TYR B 235 -36.10 -36.95 28.66
CA TYR B 235 -36.52 -35.71 28.02
C TYR B 235 -37.82 -35.92 27.24
N ASN B 236 -38.61 -34.86 27.15
CA ASN B 236 -39.87 -34.87 26.42
C ASN B 236 -39.70 -34.10 25.11
N SER B 237 -40.13 -34.72 24.02
CA SER B 237 -39.94 -34.10 22.70
C SER B 237 -40.78 -32.84 22.55
N SER B 238 -41.90 -32.75 23.26
CA SER B 238 -42.77 -31.59 23.15
C SER B 238 -42.09 -30.31 23.64
N GLN B 239 -41.12 -30.42 24.54
CA GLN B 239 -40.42 -29.23 25.04
C GLN B 239 -39.42 -28.68 24.04
N THR B 240 -39.10 -29.42 22.99
CA THR B 240 -38.14 -28.98 21.99
C THR B 240 -38.78 -27.96 21.07
N ILE B 241 -38.04 -26.89 20.76
CA ILE B 241 -38.50 -25.82 19.88
C ILE B 241 -37.80 -25.99 18.54
N ARG B 242 -38.60 -26.08 17.47
CA ARG B 242 -38.08 -26.35 16.12
C ARG B 242 -38.27 -25.11 15.26
N ILE B 243 -37.25 -24.76 14.50
CA ILE B 243 -37.32 -23.71 13.49
C ILE B 243 -36.89 -24.28 12.15
N PRO B 244 -37.66 -24.11 11.09
CA PRO B 244 -37.16 -24.45 9.75
C PRO B 244 -35.95 -23.60 9.40
N THR B 245 -34.87 -24.26 8.97
CA THR B 245 -33.61 -23.57 8.76
C THR B 245 -33.65 -22.65 7.54
N GLU B 246 -34.45 -22.99 6.53
CA GLU B 246 -34.54 -22.15 5.34
C GLU B 246 -35.02 -20.75 5.70
N GLU B 247 -36.01 -20.65 6.59
CA GLU B 247 -36.46 -19.34 7.05
C GLU B 247 -35.35 -18.62 7.82
N ILE B 248 -34.45 -19.38 8.44
CA ILE B 248 -33.31 -18.74 9.11
C ILE B 248 -32.36 -18.14 8.09
N LEU B 249 -32.04 -18.87 7.02
CA LEU B 249 -31.17 -18.30 6.00
C LEU B 249 -31.81 -17.10 5.33
N SER B 250 -33.10 -17.19 5.02
CA SER B 250 -33.78 -16.07 4.37
C SER B 250 -34.02 -14.90 5.32
N GLY B 251 -33.79 -15.08 6.62
CA GLY B 251 -34.02 -13.99 7.56
C GLY B 251 -35.48 -13.65 7.75
N LYS B 252 -36.38 -14.57 7.43
CA LYS B 252 -37.81 -14.34 7.54
C LYS B 252 -38.38 -14.85 8.87
N TYR B 253 -37.53 -15.28 9.78
CA TYR B 253 -37.96 -15.78 11.09
C TYR B 253 -37.46 -14.85 12.17
N ASP B 254 -38.37 -14.09 12.78
CA ASP B 254 -38.09 -13.32 13.98
C ASP B 254 -39.13 -13.69 15.02
N SER B 255 -38.67 -14.11 16.18
CA SER B 255 -39.56 -14.58 17.23
C SER B 255 -39.20 -13.95 18.56
N PRO B 256 -40.18 -13.81 19.48
CA PRO B 256 -39.83 -13.37 20.84
C PRO B 256 -38.86 -14.31 21.52
N PHE B 257 -38.82 -15.58 21.10
CA PHE B 257 -37.86 -16.51 21.66
C PHE B 257 -36.43 -16.07 21.33
N ILE B 258 -36.11 -15.97 20.05
CA ILE B 258 -34.74 -15.65 19.64
C ILE B 258 -34.80 -14.83 18.36
N GLY B 259 -33.89 -13.85 18.25
CA GLY B 259 -33.79 -13.05 17.06
C GLY B 259 -33.12 -13.80 15.91
N ASN B 260 -33.33 -13.27 14.71
CA ASN B 260 -32.75 -13.88 13.52
C ASN B 260 -31.23 -13.87 13.56
N PHE B 261 -30.64 -12.72 13.94
CA PHE B 261 -29.19 -12.59 13.99
C PHE B 261 -28.58 -13.50 15.06
N GLU B 262 -29.23 -13.59 16.23
CA GLU B 262 -28.75 -14.46 17.29
C GLU B 262 -28.70 -15.90 16.84
N CYS B 263 -29.76 -16.36 16.19
CA CYS B 263 -29.80 -17.74 15.72
C CYS B 263 -28.81 -17.97 14.60
N GLN B 264 -28.59 -16.96 13.75
CA GLN B 264 -27.60 -17.13 12.69
C GLN B 264 -26.19 -17.26 13.26
N ARG B 265 -25.88 -16.46 14.28
CA ARG B 265 -24.55 -16.56 14.95
C ARG B 265 -24.43 -17.96 15.57
N LEU B 266 -25.52 -18.44 16.16
CA LEU B 266 -25.53 -19.77 16.78
C LEU B 266 -25.29 -20.86 15.73
N ILE B 267 -25.91 -20.71 14.55
CA ILE B 267 -25.67 -21.64 13.45
C ILE B 267 -24.21 -21.60 13.02
N VAL B 268 -23.62 -20.40 12.98
CA VAL B 268 -22.21 -20.28 12.64
C VAL B 268 -21.35 -21.02 13.65
N GLN B 269 -21.66 -20.88 14.94
CA GLN B 269 -20.92 -21.57 15.98
C GLN B 269 -21.04 -23.08 15.84
N LEU B 270 -22.26 -23.57 15.58
CA LEU B 270 -22.45 -25.00 15.35
C LEU B 270 -21.65 -25.48 14.16
N LEU B 271 -21.64 -24.70 13.08
CA LEU B 271 -20.88 -25.05 11.88
C LEU B 271 -19.39 -25.16 12.17
N ASN B 272 -18.85 -24.18 12.90
CA ASN B 272 -17.44 -24.22 13.25
C ASN B 272 -17.10 -25.43 14.11
N LYS B 273 -17.94 -25.73 15.10
CA LYS B 273 -17.68 -26.90 15.94
C LYS B 273 -17.75 -28.18 15.11
N ALA B 274 -18.71 -28.25 14.18
CA ALA B 274 -18.81 -29.42 13.31
C ALA B 274 -17.55 -29.58 12.47
N PHE B 275 -17.02 -28.48 11.94
CA PHE B 275 -15.81 -28.58 11.12
C PHE B 275 -14.63 -29.04 11.95
N GLU B 276 -14.49 -28.52 13.18
CA GLU B 276 -13.42 -28.99 14.06
C GLU B 276 -13.54 -30.48 14.34
N LEU B 277 -14.76 -30.96 14.63
CA LEU B 277 -14.93 -32.38 14.90
C LEU B 277 -14.60 -33.23 13.66
N ARG B 278 -15.10 -32.81 12.50
CA ARG B 278 -14.83 -33.54 11.27
C ARG B 278 -13.33 -33.59 10.97
N MET B 279 -12.63 -32.47 11.19
CA MET B 279 -11.20 -32.45 10.96
C MET B 279 -10.47 -33.36 11.94
N LYS B 280 -10.90 -33.39 13.20
CA LYS B 280 -10.37 -34.35 14.14
C LYS B 280 -10.55 -35.77 13.63
N GLU B 281 -11.67 -36.04 12.97
CA GLU B 281 -11.91 -37.35 12.38
C GLU B 281 -11.12 -37.61 11.10
N LYS B 282 -10.68 -36.57 10.39
CA LYS B 282 -10.12 -36.70 9.05
C LYS B 282 -8.64 -37.06 9.03
N GLY B 283 -8.00 -37.18 10.20
CA GLY B 283 -6.63 -37.65 10.28
C GLY B 283 -5.57 -36.57 10.16
N VAL B 284 -5.94 -35.32 9.96
CA VAL B 284 -4.95 -34.26 9.90
C VAL B 284 -4.54 -33.84 11.32
N ARG B 285 -3.35 -33.26 11.42
CA ARG B 285 -2.87 -32.73 12.68
C ARG B 285 -3.38 -31.32 12.91
N GLU B 286 -3.34 -30.88 14.16
CA GLU B 286 -3.96 -29.62 14.56
C GLU B 286 -2.92 -28.67 15.13
N TYR B 287 -3.02 -27.41 14.71
CA TYR B 287 -2.25 -26.31 15.22
C TYR B 287 -3.18 -25.34 15.95
N PRO B 288 -3.09 -25.24 17.28
CA PRO B 288 -4.03 -24.42 18.06
C PRO B 288 -3.77 -22.92 17.98
N MET B 289 -4.34 -22.30 16.94
CA MET B 289 -4.26 -20.85 16.81
C MET B 289 -5.07 -20.18 17.91
N SER B 290 -4.80 -18.89 18.13
CA SER B 290 -5.44 -18.18 19.24
C SER B 290 -6.95 -18.09 19.08
N ASN B 291 -7.42 -17.74 17.88
CA ASN B 291 -8.85 -17.56 17.66
C ASN B 291 -9.51 -18.77 17.03
N LYS B 292 -8.82 -19.47 16.13
CA LYS B 292 -9.38 -20.62 15.43
C LYS B 292 -8.42 -21.78 15.61
N MET B 293 -8.68 -22.87 14.88
CA MET B 293 -7.81 -24.03 14.87
C MET B 293 -7.39 -24.35 13.45
N GLY B 294 -6.09 -24.56 13.27
CA GLY B 294 -5.54 -24.90 11.96
C GLY B 294 -5.29 -26.38 11.86
N TYR B 295 -5.21 -26.87 10.63
CA TYR B 295 -5.06 -28.29 10.34
C TYR B 295 -4.03 -28.47 9.23
N TRP B 296 -3.04 -29.32 9.50
CA TRP B 296 -1.89 -29.50 8.63
C TRP B 296 -1.50 -30.96 8.56
N PHE B 297 -0.78 -31.34 7.50
CA PHE B 297 -0.38 -32.73 7.30
C PHE B 297 0.99 -33.00 7.91
N GLU B 298 1.12 -34.17 8.52
CA GLU B 298 2.41 -34.63 8.98
C GLU B 298 3.27 -35.08 7.80
N LYS B 299 4.58 -35.16 8.05
CA LYS B 299 5.49 -35.64 7.01
C LYS B 299 5.32 -37.14 6.83
N GLY B 300 5.03 -37.55 5.61
CA GLY B 300 4.78 -38.94 5.28
C GLY B 300 3.33 -39.36 5.36
N LYS B 301 2.46 -38.50 5.90
CA LYS B 301 1.03 -38.82 5.94
C LYS B 301 0.46 -38.94 4.53
N LEU B 302 0.85 -38.04 3.64
CA LEU B 302 0.38 -38.06 2.27
C LEU B 302 1.31 -38.87 1.39
N GLU B 303 0.93 -39.04 0.13
CA GLU B 303 1.72 -39.77 -0.84
C GLU B 303 2.79 -38.83 -1.41
N LYS B 304 4.05 -39.09 -1.03
CA LYS B 304 5.18 -38.24 -1.43
C LYS B 304 4.97 -36.79 -1.00
N ASP B 305 4.29 -36.60 0.13
CA ASP B 305 3.93 -35.27 0.64
C ASP B 305 3.17 -34.46 -0.42
N LYS B 306 2.41 -35.16 -1.25
CA LYS B 306 1.66 -34.53 -2.33
C LYS B 306 0.25 -35.09 -2.38
N PHE B 307 -0.70 -34.22 -2.68
CA PHE B 307 -2.04 -34.63 -3.06
C PHE B 307 -2.44 -33.89 -4.32
N ASN B 308 -2.99 -34.62 -5.29
CA ASN B 308 -3.33 -34.07 -6.59
C ASN B 308 -2.11 -33.45 -7.26
N LYS B 309 -0.96 -34.08 -7.06
CA LYS B 309 0.32 -33.64 -7.63
C LYS B 309 0.69 -32.24 -7.16
N VAL B 310 0.25 -31.88 -5.95
CA VAL B 310 0.54 -30.58 -5.36
C VAL B 310 1.26 -30.81 -4.04
N LEU B 311 2.42 -30.17 -3.89
CA LEU B 311 3.22 -30.35 -2.69
C LEU B 311 2.60 -29.57 -1.54
N LEU B 312 2.21 -30.29 -0.49
CA LEU B 312 1.65 -29.67 0.72
C LEU B 312 2.61 -29.74 1.90
N VAL B 313 3.63 -30.58 1.84
CA VAL B 313 4.67 -30.65 2.86
C VAL B 313 6.03 -30.62 2.16
N GLY B 314 6.91 -29.77 2.67
CA GLY B 314 8.22 -29.64 2.05
C GLY B 314 9.24 -29.16 3.06
N LYS B 315 10.42 -28.84 2.54
CA LYS B 315 11.56 -28.45 3.36
C LYS B 315 11.94 -27.01 3.06
N GLN B 316 12.28 -26.25 4.10
CA GLN B 316 12.84 -24.92 3.99
C GLN B 316 14.02 -24.84 4.94
N LYS B 317 15.23 -24.82 4.39
CA LYS B 317 16.47 -24.79 5.17
C LYS B 317 16.44 -26.01 6.09
N ASP B 318 16.52 -25.77 7.41
CA ASP B 318 16.50 -26.88 8.40
C ASP B 318 15.10 -27.01 8.99
N LYS B 319 14.07 -26.53 8.28
CA LYS B 319 12.68 -26.56 8.81
C LYS B 319 11.76 -27.32 7.85
N HIS B 320 10.67 -27.89 8.35
CA HIS B 320 9.70 -28.59 7.48
C HIS B 320 8.40 -27.78 7.43
N TRP B 321 8.06 -27.23 6.27
CA TRP B 321 6.86 -26.44 6.15
C TRP B 321 5.69 -27.33 5.74
N HIS B 322 4.54 -27.11 6.38
CA HIS B 322 3.32 -27.83 6.07
C HIS B 322 2.22 -26.81 5.82
N PHE B 323 1.54 -26.94 4.69
CA PHE B 323 0.44 -26.06 4.34
C PHE B 323 -0.79 -26.47 5.11
N GLY B 324 -1.25 -25.60 6.01
CA GLY B 324 -2.41 -25.88 6.82
C GLY B 324 -3.54 -24.92 6.50
N ILE B 325 -4.75 -25.33 6.88
CA ILE B 325 -5.95 -24.55 6.63
C ILE B 325 -6.74 -24.40 7.92
N SER B 326 -7.49 -23.31 8.00
CA SER B 326 -8.46 -23.09 9.06
C SER B 326 -9.78 -22.69 8.42
N ALA B 327 -10.88 -22.92 9.12
CA ALA B 327 -12.18 -22.66 8.53
C ALA B 327 -13.05 -21.86 9.50
N ALA B 328 -13.88 -21.00 8.91
CA ALA B 328 -14.92 -20.28 9.63
C ALA B 328 -16.19 -20.36 8.80
N GLY B 329 -17.32 -20.02 9.41
CA GLY B 329 -18.59 -20.03 8.74
C GLY B 329 -19.06 -18.62 8.39
N LYS B 330 -19.89 -18.52 7.40
CA LYS B 330 -20.45 -17.19 7.14
C LYS B 330 -21.77 -17.41 6.43
N LEU B 331 -22.86 -16.84 6.94
CA LEU B 331 -24.20 -17.07 6.35
C LEU B 331 -24.53 -15.92 5.40
N TYR B 332 -23.95 -14.75 5.57
CA TYR B 332 -24.21 -13.67 4.59
C TYR B 332 -22.89 -13.17 4.08
N PRO B 333 -22.74 -12.92 2.77
CA PRO B 333 -23.88 -12.80 1.89
C PRO B 333 -24.44 -14.14 1.41
N PHE B 334 -23.64 -15.20 1.47
CA PHE B 334 -24.05 -16.53 0.99
C PHE B 334 -23.49 -17.57 1.95
N PRO B 335 -24.24 -18.64 2.25
CA PRO B 335 -23.77 -19.60 3.19
C PRO B 335 -22.48 -20.18 2.64
N VAL B 336 -21.37 -20.00 3.32
CA VAL B 336 -20.06 -20.47 2.81
C VAL B 336 -19.13 -20.85 3.96
N LEU B 337 -18.23 -21.79 3.76
CA LEU B 337 -17.20 -22.07 4.77
C LEU B 337 -16.00 -21.35 4.19
N MET B 338 -15.27 -20.58 4.98
CA MET B 338 -14.21 -19.72 4.42
C MET B 338 -12.87 -20.24 4.86
N ILE B 339 -12.20 -20.96 4.00
CA ILE B 339 -10.93 -21.59 4.42
C ILE B 339 -9.82 -20.56 4.36
N SER B 340 -8.88 -20.66 5.29
CA SER B 340 -7.76 -19.71 5.37
C SER B 340 -6.50 -20.51 5.17
N SER B 341 -5.42 -19.86 4.77
CA SER B 341 -4.23 -20.65 4.48
C SER B 341 -3.08 -20.18 5.35
N HIS B 342 -2.39 -21.11 6.00
CA HIS B 342 -1.24 -20.82 6.81
C HIS B 342 -0.15 -21.83 6.49
N ILE B 343 1.06 -21.54 6.95
CA ILE B 343 2.16 -22.50 6.90
C ILE B 343 2.64 -22.74 8.32
N PHE B 344 2.68 -24.00 8.72
CA PHE B 344 3.12 -24.40 10.05
C PHE B 344 4.43 -25.15 9.92
N PHE B 345 5.40 -24.78 10.75
CA PHE B 345 6.75 -25.39 10.60
C PHE B 345 7.03 -26.41 11.70
N THR B 346 7.80 -27.45 11.37
CA THR B 346 8.14 -28.51 12.35
C THR B 346 9.63 -28.82 12.23
N LYS B 347 10.27 -29.20 13.34
CA LYS B 347 11.72 -29.53 13.32
C LYS B 347 11.96 -30.73 12.41
N ASP B 348 11.07 -31.73 12.48
CA ASP B 348 11.27 -32.96 11.71
C ASP B 348 10.07 -33.29 10.83
N GLY B 349 8.94 -32.62 11.02
CA GLY B 349 7.71 -32.96 10.35
C GLY B 349 6.59 -33.39 11.29
N LYS B 350 6.90 -33.61 12.56
CA LYS B 350 5.91 -34.01 13.56
C LYS B 350 5.81 -33.03 14.71
N GLU B 351 6.93 -32.51 15.21
CA GLU B 351 6.95 -31.63 16.37
C GLU B 351 6.95 -30.18 15.89
N LEU B 352 5.85 -29.47 16.15
CA LEU B 352 5.76 -28.06 15.81
C LEU B 352 6.76 -27.27 16.64
N ILE B 353 7.32 -26.21 16.02
CA ILE B 353 8.23 -25.34 16.74
C ILE B 353 7.43 -24.42 17.65
N GLU B 354 7.80 -24.41 18.93
CA GLU B 354 7.00 -23.71 19.94
C GLU B 354 7.05 -22.19 19.73
N SER B 355 8.23 -21.66 19.38
CA SER B 355 8.41 -20.22 19.31
C SER B 355 7.51 -19.62 18.24
N LYS B 356 6.59 -18.74 18.68
CA LYS B 356 5.71 -18.06 17.74
C LYS B 356 6.49 -17.09 16.87
N LYS B 357 7.57 -16.51 17.39
CA LYS B 357 8.37 -15.59 16.59
C LYS B 357 9.02 -16.31 15.42
N ILE B 358 9.59 -17.49 15.65
CA ILE B 358 10.17 -18.27 14.57
C ILE B 358 9.10 -18.68 13.58
N GLN B 359 7.92 -19.07 14.08
CA GLN B 359 6.81 -19.40 13.22
C GLN B 359 6.46 -18.24 12.29
N HIS B 360 6.35 -17.03 12.86
CA HIS B 360 6.00 -15.87 12.07
C HIS B 360 7.06 -15.54 11.04
N ALA B 361 8.34 -15.60 11.43
CA ALA B 361 9.42 -15.28 10.50
C ALA B 361 9.45 -16.27 9.34
N ALA B 362 9.41 -17.57 9.65
CA ALA B 362 9.43 -18.57 8.60
C ALA B 362 8.18 -18.49 7.73
N ARG B 363 7.03 -18.20 8.33
CA ARG B 363 5.80 -18.03 7.56
C ARG B 363 5.93 -16.88 6.58
N ARG B 364 6.47 -15.75 7.03
CA ARG B 364 6.65 -14.60 6.15
C ARG B 364 7.59 -14.93 5.00
N ARG B 365 8.71 -15.60 5.31
CA ARG B 365 9.68 -15.92 4.27
C ARG B 365 9.10 -16.90 3.25
N GLN B 366 8.49 -17.99 3.73
CA GLN B 366 7.93 -18.97 2.81
C GLN B 366 6.78 -18.40 1.99
N GLY B 367 5.98 -17.52 2.58
CA GLY B 367 4.95 -16.85 1.81
C GLY B 367 5.54 -15.92 0.75
N LYS B 368 6.66 -15.27 1.08
CA LYS B 368 7.37 -14.49 0.07
C LYS B 368 7.77 -15.38 -1.11
N ASN B 369 8.22 -16.60 -0.83
CA ASN B 369 8.66 -17.49 -1.90
C ASN B 369 7.50 -17.89 -2.82
N TRP B 370 6.32 -18.13 -2.26
CA TRP B 370 5.22 -18.70 -3.01
C TRP B 370 4.46 -17.63 -3.79
N TRP B 371 4.07 -17.95 -5.03
CA TRP B 371 3.33 -16.98 -5.88
C TRP B 371 1.85 -17.33 -5.90
N ASN B 372 1.10 -16.76 -6.85
CA ASN B 372 -0.38 -16.97 -6.90
C ASN B 372 -0.70 -18.47 -7.02
N ASP B 373 -0.07 -19.16 -7.97
CA ASP B 373 -0.41 -20.60 -8.19
C ASP B 373 -0.19 -21.40 -6.91
N ASP B 374 0.99 -21.28 -6.28
CA ASP B 374 1.29 -22.10 -5.11
C ASP B 374 0.14 -22.05 -4.11
N TRP B 375 -0.27 -20.84 -3.73
CA TRP B 375 -1.35 -20.69 -2.76
C TRP B 375 -2.63 -21.32 -3.25
N ARG B 376 -3.04 -20.99 -4.47
CA ARG B 376 -4.31 -21.50 -5.00
C ARG B 376 -4.31 -23.02 -5.05
N ASN B 377 -3.27 -23.61 -5.63
CA ASN B 377 -3.21 -25.05 -5.81
C ASN B 377 -3.13 -25.77 -4.47
N LYS B 378 -2.35 -25.24 -3.53
CA LYS B 378 -2.25 -25.89 -2.22
C LYS B 378 -3.58 -25.87 -1.49
N LEU B 379 -4.28 -24.73 -1.50
CA LEU B 379 -5.58 -24.67 -0.83
C LEU B 379 -6.57 -25.61 -1.49
N LEU B 380 -6.63 -25.60 -2.82
CA LEU B 380 -7.57 -26.49 -3.55
C LEU B 380 -7.24 -27.94 -3.20
N ALA B 381 -5.97 -28.33 -3.29
CA ALA B 381 -5.56 -29.73 -3.01
C ALA B 381 -6.08 -30.15 -1.63
N PHE B 382 -5.81 -29.35 -0.60
CA PHE B 382 -6.23 -29.70 0.78
C PHE B 382 -7.72 -30.02 0.80
N VAL B 383 -8.55 -29.12 0.26
CA VAL B 383 -10.03 -29.32 0.29
C VAL B 383 -10.39 -30.52 -0.59
N LYS B 384 -9.73 -30.67 -1.74
CA LYS B 384 -9.98 -31.87 -2.59
C LYS B 384 -9.66 -33.11 -1.76
N TYR B 385 -8.64 -33.03 -0.90
CA TYR B 385 -8.34 -34.15 -0.01
C TYR B 385 -9.39 -34.30 1.07
N LEU B 386 -9.96 -33.18 1.53
CA LEU B 386 -11.02 -33.20 2.52
C LEU B 386 -12.30 -33.85 2.00
N SER B 387 -12.41 -34.07 0.70
CA SER B 387 -13.65 -34.54 0.09
C SER B 387 -14.03 -35.92 0.60
N ASP B 388 -15.34 -36.15 0.70
CA ASP B 388 -15.88 -37.47 0.96
C ASP B 388 -16.54 -38.09 -0.26
N ASP B 389 -16.94 -37.30 -1.24
CA ASP B 389 -17.42 -37.80 -2.52
C ASP B 389 -16.85 -36.92 -3.61
N GLU B 390 -17.40 -37.06 -4.82
CA GLU B 390 -16.81 -36.39 -5.97
C GLU B 390 -17.01 -34.88 -5.91
N ASN B 391 -18.07 -34.41 -5.25
CA ASN B 391 -18.44 -33.01 -5.32
C ASN B 391 -18.46 -32.30 -3.97
N SER B 392 -18.32 -33.01 -2.86
CA SER B 392 -18.52 -32.37 -1.57
C SER B 392 -17.89 -33.19 -0.45
N PHE B 393 -17.85 -32.59 0.73
CA PHE B 393 -17.59 -33.28 1.98
C PHE B 393 -18.67 -32.88 2.97
N TYR B 394 -18.75 -33.62 4.08
CA TYR B 394 -19.83 -33.42 5.03
C TYR B 394 -19.29 -33.22 6.43
N LEU B 395 -20.00 -32.40 7.20
CA LEU B 395 -19.78 -32.20 8.62
C LEU B 395 -20.90 -32.89 9.38
N GLU B 396 -20.52 -33.61 10.43
CA GLU B 396 -21.47 -34.39 11.24
C GLU B 396 -22.04 -33.50 12.32
N VAL B 397 -23.24 -32.97 12.09
CA VAL B 397 -23.96 -32.21 13.12
C VAL B 397 -24.97 -33.06 13.86
N GLY B 398 -25.50 -34.10 13.24
CA GLY B 398 -26.44 -34.99 13.91
C GLY B 398 -26.23 -36.40 13.42
N SER B 399 -26.82 -37.36 14.12
CA SER B 399 -26.69 -38.76 13.73
C SER B 399 -27.29 -38.99 12.35
N GLU B 400 -28.45 -38.39 12.08
CA GLU B 400 -29.07 -38.45 10.76
C GLU B 400 -28.91 -37.17 9.98
N GLU B 401 -28.27 -36.14 10.55
CA GLU B 401 -28.18 -34.83 9.94
C GLU B 401 -26.72 -34.47 9.66
N LYS B 402 -26.45 -33.97 8.46
CA LYS B 402 -25.12 -33.58 8.05
C LYS B 402 -25.19 -32.29 7.24
N ILE B 403 -24.08 -31.56 7.23
CA ILE B 403 -23.95 -30.35 6.43
C ILE B 403 -22.99 -30.63 5.28
N TYR B 404 -23.44 -30.35 4.06
CA TYR B 404 -22.66 -30.66 2.86
C TYR B 404 -22.03 -29.39 2.32
N ILE B 405 -20.70 -29.37 2.26
CA ILE B 405 -19.94 -28.26 1.71
C ILE B 405 -19.23 -28.74 0.45
N SER B 406 -19.41 -28.00 -0.64
CA SER B 406 -18.72 -28.32 -1.88
C SER B 406 -17.21 -28.12 -1.73
N ASN B 407 -16.45 -29.01 -2.36
CA ASN B 407 -15.00 -28.95 -2.31
C ASN B 407 -14.39 -28.05 -3.38
N GLU B 408 -15.22 -27.49 -4.27
CA GLU B 408 -14.77 -26.54 -5.26
C GLU B 408 -15.15 -25.13 -4.81
N PRO B 409 -14.20 -24.21 -4.74
CA PRO B 409 -14.50 -22.89 -4.18
C PRO B 409 -15.44 -22.08 -5.06
N VAL B 410 -16.09 -21.11 -4.44
CA VAL B 410 -16.93 -20.18 -5.18
C VAL B 410 -16.07 -19.37 -6.11
N GLN B 411 -16.53 -19.20 -7.34
CA GLN B 411 -15.75 -18.56 -8.40
C GLN B 411 -16.35 -17.19 -8.72
N PHE B 412 -15.48 -16.24 -9.03
CA PHE B 412 -15.88 -14.86 -9.29
C PHE B 412 -15.44 -14.46 -10.69
N VAL B 413 -16.33 -13.85 -11.45
CA VAL B 413 -16.04 -13.48 -12.83
C VAL B 413 -15.86 -11.97 -12.91
N GLY B 414 -14.72 -11.54 -13.48
CA GLY B 414 -14.49 -10.15 -13.76
C GLY B 414 -14.43 -9.86 -15.25
N LYS B 415 -14.73 -8.62 -15.60
CA LYS B 415 -14.80 -8.21 -17.00
C LYS B 415 -13.51 -7.53 -17.48
N VAL B 416 -12.49 -7.45 -16.62
CA VAL B 416 -11.21 -6.86 -16.99
C VAL B 416 -10.09 -7.80 -16.55
N SER B 417 -8.96 -7.68 -17.24
CA SER B 417 -7.80 -8.50 -16.93
C SER B 417 -6.55 -7.81 -17.48
N TYR B 418 -5.40 -8.26 -17.01
CA TYR B 418 -4.12 -7.76 -17.47
C TYR B 418 -3.40 -8.83 -18.28
N ASN B 419 -2.38 -8.41 -19.01
CA ASN B 419 -1.57 -9.32 -19.80
C ASN B 419 -0.31 -9.69 -19.02
N MET B 420 0.11 -10.95 -19.14
CA MET B 420 1.22 -11.44 -18.36
C MET B 420 2.51 -10.72 -18.75
N PRO B 421 3.36 -10.39 -17.77
CA PRO B 421 4.62 -9.71 -18.08
C PRO B 421 5.53 -10.58 -18.93
N GLU B 422 6.32 -9.93 -19.77
CA GLU B 422 7.31 -10.64 -20.57
C GLU B 422 8.41 -11.24 -19.70
N LYS B 423 8.83 -10.52 -18.68
CA LYS B 423 9.90 -10.96 -17.78
C LYS B 423 9.33 -11.15 -16.38
N ASN B 424 9.64 -12.28 -15.76
CA ASN B 424 9.16 -12.60 -14.42
C ASN B 424 10.24 -12.21 -13.41
N ASN B 425 10.04 -11.09 -12.73
CA ASN B 425 10.99 -10.58 -11.74
C ASN B 425 10.48 -10.75 -10.32
N LEU B 426 9.70 -11.79 -10.05
CA LEU B 426 9.05 -11.92 -8.76
C LEU B 426 10.06 -12.16 -7.63
N LYS B 427 11.13 -12.92 -7.92
CA LYS B 427 12.13 -13.17 -6.89
C LYS B 427 12.84 -11.88 -6.48
N ASP B 428 13.18 -11.04 -7.46
CA ASP B 428 13.78 -9.75 -7.15
C ASP B 428 12.82 -8.86 -6.38
N GLU B 429 11.53 -8.91 -6.72
CA GLU B 429 10.54 -8.15 -5.95
C GLU B 429 10.46 -8.64 -4.52
N ALA B 430 10.55 -9.96 -4.31
CA ALA B 430 10.54 -10.49 -2.96
C ALA B 430 11.76 -10.01 -2.16
N GLU B 431 12.94 -10.04 -2.79
CA GLU B 431 14.14 -9.56 -2.11
C GLU B 431 14.03 -8.08 -1.78
N ILE B 432 13.50 -7.29 -2.72
CA ILE B 432 13.37 -5.85 -2.50
C ILE B 432 12.37 -5.57 -1.39
N SER B 433 11.26 -6.31 -1.34
CA SER B 433 10.31 -6.16 -0.26
C SER B 433 10.92 -6.55 1.08
N ASP B 434 11.78 -7.57 1.08
CA ASP B 434 12.49 -7.93 2.29
C ASP B 434 13.37 -6.78 2.78
N LEU B 435 14.07 -6.13 1.84
CA LEU B 435 14.86 -4.95 2.20
C LEU B 435 13.97 -3.82 2.72
N ASN B 436 12.80 -3.64 2.10
CA ASN B 436 11.87 -2.62 2.55
C ASN B 436 11.50 -2.86 4.00
N ASP B 437 11.42 -4.13 4.40
CA ASP B 437 11.10 -4.45 5.79
C ASP B 437 12.29 -4.14 6.68
N LEU B 438 13.48 -4.56 6.26
CA LEU B 438 14.68 -4.29 7.04
C LEU B 438 14.88 -2.78 7.22
#